data_5SNB
#
_entry.id   5SNB
#
_cell.length_a   138.683
_cell.length_b   65.619
_cell.length_c   84.474
_cell.angle_alpha   90.000
_cell.angle_beta   93.290
_cell.angle_gamma   90.000
#
_symmetry.space_group_name_H-M   'C 1 2 1'
#
loop_
_entity.id
_entity.type
_entity.pdbx_description
1 polymer '3-oxoacyl-[acyl-carrier-protein] synthase 2'
2 non-polymer (2~{S})-~{N}-(4-aminocarbonylphenyl)oxolane-2-carboxamide
3 non-polymer 'DIMETHYL SULFOXIDE'
4 non-polymer 'PHOSPHATE ION'
5 water water
#
_entity_poly.entity_id   1
_entity_poly.type   'polypeptide(L)'
_entity_poly.pdbx_seq_one_letter_code
;MSRRRVVITGMGMLSPLGLDVPSSWEGILAGRSGIAPIEHMDLSAYSTRFGGSVKGFNVEEYLSAKEARKLDLFIQYGLA
ASFQAVRDSGLEVTDANRERIGVSMGSGIGGLTNIENNCRSLFEQGPRRISPFFVPGSIINMVSGFLSIHLGLQGPNYAL
TTAQTTGTHSIGMAARNIAYGEADVMVAGGSEMAACGLGLGGFGAARALSTRNDEPTRASRPWDRDRDGFVLSDGSGALV
LEELEHARARGARIYAELVGFGMSGDAFHMTAPPEDGAGAARCMKNALRDAGLDPRQVDYINAHGTSTPAGDIAEIAAVK
SVFGEHAHALSMSSTKSMTGHLLGAAGAVEAIFSVLALRDQVAPPTINLDNPDEGCDLDLVAHEAKPRKIDVALSNSFGF
GGTNGTLVFRRFAD
;
_entity_poly.pdbx_strand_id   A,B
#
loop_
_chem_comp.id
_chem_comp.type
_chem_comp.name
_chem_comp.formula
DMS non-polymer 'DIMETHYL SULFOXIDE' 'C2 H6 O S'
LWA non-polymer (2~{S})-~{N}-(4-aminocarbonylphenyl)oxolane-2-carboxamide 'C12 H14 N2 O3'
PO4 non-polymer 'PHOSPHATE ION' 'O4 P -3'
#
# COMPACT_ATOMS: atom_id res chain seq x y z
N SER A 2 12.70 -19.15 13.01
CA SER A 2 11.89 -18.81 14.24
C SER A 2 12.03 -17.31 14.55
N ARG A 3 11.07 -16.71 15.28
CA ARG A 3 10.86 -15.24 15.32
C ARG A 3 12.04 -14.49 15.95
N ARG A 4 12.69 -13.60 15.19
CA ARG A 4 13.83 -12.79 15.68
C ARG A 4 13.36 -11.48 16.31
N ARG A 5 14.19 -10.88 17.16
CA ARG A 5 13.88 -9.60 17.83
C ARG A 5 14.25 -8.44 16.89
N VAL A 6 13.54 -7.32 17.03
CA VAL A 6 13.67 -6.16 16.11
C VAL A 6 13.92 -4.90 16.92
N VAL A 7 14.97 -4.17 16.56
CA VAL A 7 15.32 -2.93 17.31
C VAL A 7 15.34 -1.75 16.34
N ILE A 8 15.30 -0.56 16.91
CA ILE A 8 15.33 0.71 16.13
C ILE A 8 16.75 1.27 16.26
N THR A 9 17.43 1.47 15.13
CA THR A 9 18.85 1.90 15.09
C THR A 9 18.99 3.26 14.39
N GLY A 10 17.95 3.78 13.74
CA GLY A 10 18.02 5.08 13.04
C GLY A 10 16.62 5.65 12.86
N MET A 11 16.49 6.98 12.92
CA MET A 11 15.18 7.62 12.70
C MET A 11 15.41 8.93 11.94
N GLY A 12 14.41 9.33 11.19
CA GLY A 12 14.45 10.53 10.35
C GLY A 12 13.07 11.11 10.25
N MET A 13 12.98 12.43 10.06
CA MET A 13 11.68 13.12 10.12
C MET A 13 11.72 14.45 9.39
N LEU A 14 10.62 14.76 8.70
CA LEU A 14 10.15 16.13 8.44
C LEU A 14 8.78 16.29 9.10
N SER A 15 8.59 17.37 9.84
CA SER A 15 7.30 17.68 10.48
C SER A 15 7.06 19.18 10.43
N PRO A 16 5.85 19.61 10.84
CA PRO A 16 5.56 21.04 11.02
C PRO A 16 6.39 21.72 12.11
N LEU A 17 7.13 20.95 12.92
CA LEU A 17 7.93 21.51 14.05
C LEU A 17 9.41 21.51 13.71
N GLY A 18 9.86 20.86 12.63
CA GLY A 18 11.28 20.93 12.26
C GLY A 18 11.70 20.03 11.11
N LEU A 19 12.94 20.20 10.63
CA LEU A 19 13.43 19.56 9.38
C LEU A 19 14.21 18.27 9.72
N ASP A 20 14.14 17.81 10.97
CA ASP A 20 14.76 16.55 11.44
C ASP A 20 14.13 16.12 12.77
N VAL A 21 14.60 15.02 13.32
CA VAL A 21 14.07 14.44 14.58
C VAL A 21 14.38 15.38 15.75
N PRO A 22 15.65 15.74 16.04
CA PRO A 22 15.94 16.51 17.25
C PRO A 22 15.22 17.86 17.31
N SER A 23 15.12 18.60 16.21
CA SER A 23 14.41 19.92 16.18
C SER A 23 12.91 19.68 16.41
N SER A 24 12.36 18.62 15.80
CA SER A 24 10.93 18.27 15.96
C SER A 24 10.66 17.95 17.42
N TRP A 25 11.49 17.11 18.04
CA TRP A 25 11.31 16.61 19.42
C TRP A 25 11.43 17.77 20.44
N GLU A 26 12.38 18.69 20.23
N GLU A 26 12.41 18.66 20.23
CA GLU A 26 12.51 19.89 21.09
CA GLU A 26 12.56 19.93 20.99
C GLU A 26 11.22 20.71 21.02
C GLU A 26 11.20 20.66 21.02
N GLY A 27 10.58 20.81 19.85
CA GLY A 27 9.27 21.48 19.75
C GLY A 27 8.22 20.73 20.53
N ILE A 28 8.17 19.41 20.37
CA ILE A 28 7.19 18.52 21.07
C ILE A 28 7.32 18.74 22.58
N LEU A 29 8.52 18.75 23.13
CA LEU A 29 8.69 18.80 24.61
C LEU A 29 8.43 20.22 25.14
N ALA A 30 8.55 21.24 24.29
CA ALA A 30 8.26 22.64 24.69
C ALA A 30 6.79 22.97 24.44
N GLY A 31 5.98 22.04 23.93
CA GLY A 31 4.55 22.32 23.70
C GLY A 31 4.33 23.31 22.57
N ARG A 32 5.23 23.38 21.61
CA ARG A 32 5.15 24.35 20.49
C ARG A 32 4.21 23.82 19.39
N SER A 33 3.36 24.67 18.81
CA SER A 33 2.47 24.34 17.66
C SER A 33 3.21 24.56 16.33
N GLY A 34 3.01 23.64 15.38
CA GLY A 34 3.52 23.75 14.02
C GLY A 34 2.43 24.24 13.06
N ILE A 35 1.30 24.72 13.57
CA ILE A 35 0.08 24.97 12.75
C ILE A 35 0.02 26.47 12.44
N ALA A 36 -0.24 26.82 11.20
CA ALA A 36 -0.21 28.23 10.74
C ALA A 36 -1.05 28.33 9.47
N PRO A 37 -1.55 29.54 9.12
CA PRO A 37 -2.15 29.76 7.82
C PRO A 37 -1.22 29.22 6.73
N ILE A 38 -1.82 28.55 5.77
CA ILE A 38 -1.09 27.98 4.62
C ILE A 38 -0.75 29.14 3.67
N GLU A 39 0.50 29.22 3.26
CA GLU A 39 1.02 30.32 2.41
C GLU A 39 1.19 29.89 0.95
N HIS A 40 1.26 28.60 0.64
CA HIS A 40 1.70 28.12 -0.70
C HIS A 40 0.57 28.22 -1.73
N MET A 41 -0.65 28.62 -1.33
CA MET A 41 -1.81 28.72 -2.25
C MET A 41 -2.87 29.63 -1.66
N ASP A 42 -3.83 30.04 -2.50
CA ASP A 42 -4.97 30.92 -2.15
C ASP A 42 -6.12 30.07 -1.60
N LEU A 43 -6.35 30.10 -0.28
CA LEU A 43 -7.45 29.30 0.34
C LEU A 43 -8.64 30.17 0.70
N SER A 44 -8.84 31.34 0.07
CA SER A 44 -9.94 32.26 0.50
C SER A 44 -11.30 31.57 0.28
N ALA A 45 -11.49 30.71 -0.73
CA ALA A 45 -12.80 30.07 -0.99
C ALA A 45 -12.99 28.79 -0.13
N TYR A 46 -11.99 28.42 0.70
CA TYR A 46 -12.01 27.17 1.53
C TYR A 46 -12.52 27.48 2.94
N SER A 47 -13.18 26.52 3.58
CA SER A 47 -13.66 26.67 4.98
C SER A 47 -12.49 26.51 5.98
N THR A 48 -11.37 25.90 5.56
CA THR A 48 -10.13 25.74 6.38
C THR A 48 -8.95 26.29 5.59
N ARG A 49 -8.17 27.19 6.19
CA ARG A 49 -7.11 27.93 5.47
C ARG A 49 -5.77 27.79 6.19
N PHE A 50 -5.65 26.82 7.09
CA PHE A 50 -4.42 26.59 7.86
C PHE A 50 -4.17 25.08 7.94
N GLY A 51 -2.97 24.76 8.39
CA GLY A 51 -2.51 23.36 8.55
C GLY A 51 -1.07 23.33 9.02
N GLY A 52 -0.51 22.13 9.16
CA GLY A 52 0.90 21.96 9.53
C GLY A 52 1.76 21.78 8.29
N SER A 53 2.41 22.85 7.85
CA SER A 53 3.30 22.83 6.67
C SER A 53 4.72 22.47 7.14
N VAL A 54 5.48 21.84 6.28
CA VAL A 54 6.94 21.73 6.52
C VAL A 54 7.53 23.08 6.13
N LYS A 55 8.30 23.72 7.00
CA LYS A 55 8.77 25.10 6.76
C LYS A 55 10.24 25.04 6.34
N GLY A 56 10.56 25.60 5.18
CA GLY A 56 11.94 25.79 4.73
C GLY A 56 12.62 24.49 4.32
N PHE A 57 11.85 23.52 3.83
CA PHE A 57 12.42 22.24 3.33
C PHE A 57 13.36 22.58 2.20
N ASN A 58 14.60 22.14 2.31
CA ASN A 58 15.60 22.25 1.21
C ASN A 58 15.85 20.86 0.63
N VAL A 59 15.22 20.56 -0.49
CA VAL A 59 15.41 19.24 -1.16
C VAL A 59 16.87 19.10 -1.65
N GLU A 60 17.60 20.18 -1.87
CA GLU A 60 19.00 20.10 -2.38
C GLU A 60 19.97 19.69 -1.26
N GLU A 61 19.47 19.43 -0.05
CA GLU A 61 20.23 18.72 1.02
C GLU A 61 20.27 17.22 0.70
N TYR A 62 19.38 16.73 -0.14
CA TYR A 62 19.15 15.27 -0.34
C TYR A 62 19.33 14.87 -1.79
N LEU A 63 18.86 15.69 -2.73
CA LEU A 63 18.69 15.28 -4.16
C LEU A 63 19.13 16.43 -5.04
N SER A 64 19.66 16.10 -6.20
CA SER A 64 19.89 17.03 -7.33
C SER A 64 18.53 17.66 -7.70
N ALA A 65 18.49 18.97 -7.96
CA ALA A 65 17.25 19.65 -8.42
C ALA A 65 16.78 18.94 -9.69
N LYS A 66 17.67 18.21 -10.38
CA LYS A 66 17.35 17.44 -11.61
C LYS A 66 16.42 16.26 -11.30
N GLU A 67 16.75 15.47 -10.27
N GLU A 67 16.72 15.47 -10.27
CA GLU A 67 15.92 14.34 -9.77
CA GLU A 67 15.82 14.36 -9.85
C GLU A 67 14.68 14.92 -9.06
C GLU A 67 14.63 14.96 -9.09
N ALA A 68 14.87 15.94 -8.22
CA ALA A 68 13.81 16.51 -7.35
C ALA A 68 12.60 17.05 -8.15
N ARG A 69 12.86 17.68 -9.30
N ARG A 69 12.85 17.66 -9.32
CA ARG A 69 11.82 18.27 -10.21
CA ARG A 69 11.77 18.28 -10.15
C ARG A 69 10.83 17.18 -10.67
C ARG A 69 10.84 17.18 -10.70
N LYS A 70 11.29 15.92 -10.78
CA LYS A 70 10.44 14.80 -11.25
C LYS A 70 9.49 14.28 -10.15
N LEU A 71 9.64 14.68 -8.89
CA LEU A 71 9.01 13.95 -7.73
C LEU A 71 7.97 14.83 -7.03
N ASP A 72 6.80 14.28 -6.73
CA ASP A 72 5.85 14.96 -5.81
C ASP A 72 6.54 15.27 -4.49
N LEU A 73 6.11 16.34 -3.82
CA LEU A 73 6.62 16.64 -2.47
C LEU A 73 6.47 15.45 -1.52
N PHE A 74 5.43 14.64 -1.58
CA PHE A 74 5.33 13.50 -0.60
C PHE A 74 6.54 12.56 -0.78
N ILE A 75 7.01 12.40 -2.02
CA ILE A 75 8.16 11.51 -2.29
C ILE A 75 9.41 12.21 -1.80
N GLN A 76 9.57 13.51 -2.10
CA GLN A 76 10.72 14.26 -1.59
C GLN A 76 10.79 14.09 -0.06
N TYR A 77 9.65 14.27 0.62
CA TYR A 77 9.58 14.22 2.11
C TYR A 77 9.95 12.82 2.61
N GLY A 78 9.48 11.78 1.93
CA GLY A 78 9.77 10.39 2.33
C GLY A 78 11.24 10.06 2.17
N LEU A 79 11.85 10.54 1.08
CA LEU A 79 13.28 10.35 0.78
C LEU A 79 14.09 11.10 1.83
N ALA A 80 13.71 12.33 2.19
CA ALA A 80 14.47 13.12 3.20
C ALA A 80 14.51 12.32 4.51
N ALA A 81 13.34 11.87 4.95
CA ALA A 81 13.26 11.15 6.23
C ALA A 81 14.04 9.84 6.16
N SER A 82 13.93 9.10 5.06
CA SER A 82 14.67 7.83 4.84
C SER A 82 16.17 8.07 4.90
N PHE A 83 16.65 9.07 4.14
CA PHE A 83 18.10 9.39 4.11
C PHE A 83 18.57 9.71 5.52
N GLN A 84 17.81 10.50 6.26
CA GLN A 84 18.18 10.86 7.66
C GLN A 84 18.29 9.58 8.49
N ALA A 85 17.29 8.70 8.39
CA ALA A 85 17.22 7.47 9.21
C ALA A 85 18.44 6.60 8.89
N VAL A 86 18.76 6.41 7.62
CA VAL A 86 19.88 5.53 7.19
C VAL A 86 21.19 6.11 7.74
N ARG A 87 21.40 7.42 7.60
CA ARG A 87 22.63 8.08 8.13
C ARG A 87 22.67 7.88 9.65
N ASP A 88 21.56 8.18 10.33
CA ASP A 88 21.46 8.07 11.81
C ASP A 88 21.80 6.65 12.26
N SER A 89 21.46 5.63 11.47
CA SER A 89 21.69 4.21 11.84
C SER A 89 23.19 3.88 11.84
N GLY A 90 24.00 4.56 11.02
CA GLY A 90 25.43 4.21 10.78
C GLY A 90 25.58 2.96 9.91
N LEU A 91 24.48 2.43 9.38
CA LEU A 91 24.57 1.21 8.54
C LEU A 91 25.31 1.53 7.24
N GLU A 92 26.24 0.65 6.86
CA GLU A 92 26.95 0.68 5.55
C GLU A 92 26.37 -0.41 4.67
N VAL A 93 25.85 -0.02 3.52
CA VAL A 93 25.27 -0.95 2.52
C VAL A 93 26.43 -1.49 1.69
N THR A 94 26.46 -2.80 1.45
CA THR A 94 27.56 -3.51 0.72
C THR A 94 26.98 -4.62 -0.16
N ASP A 95 27.77 -5.14 -1.07
CA ASP A 95 27.38 -6.36 -1.83
C ASP A 95 27.02 -7.49 -0.87
N ALA A 96 27.66 -7.60 0.29
CA ALA A 96 27.40 -8.70 1.24
C ALA A 96 26.01 -8.56 1.91
N ASN A 97 25.46 -7.35 2.07
CA ASN A 97 24.22 -7.19 2.89
C ASN A 97 23.08 -6.54 2.08
N ARG A 98 23.28 -6.14 0.83
CA ARG A 98 22.28 -5.30 0.11
C ARG A 98 21.03 -6.14 -0.18
N GLU A 99 21.15 -7.47 -0.31
CA GLU A 99 19.93 -8.28 -0.59
C GLU A 99 19.09 -8.43 0.69
N ARG A 100 19.61 -8.06 1.85
CA ARG A 100 18.92 -8.28 3.14
C ARG A 100 18.37 -6.96 3.68
N ILE A 101 18.45 -5.88 2.90
CA ILE A 101 17.99 -4.52 3.33
C ILE A 101 16.89 -4.09 2.38
N GLY A 102 15.68 -3.89 2.92
CA GLY A 102 14.52 -3.50 2.12
C GLY A 102 13.94 -2.19 2.59
N VAL A 103 12.79 -1.82 2.02
CA VAL A 103 12.15 -0.52 2.35
C VAL A 103 10.64 -0.69 2.21
N SER A 104 9.92 -0.08 3.13
CA SER A 104 8.44 -0.02 3.11
C SER A 104 8.07 1.36 3.61
N MET A 105 8.03 2.33 2.70
CA MET A 105 7.59 3.71 2.99
C MET A 105 6.26 3.91 2.25
N GLY A 106 5.24 4.27 3.01
CA GLY A 106 3.87 4.34 2.50
C GLY A 106 3.36 5.77 2.48
N SER A 107 2.14 5.95 1.98
CA SER A 107 1.42 7.23 2.01
C SER A 107 -0.08 6.93 2.02
N GLY A 108 -0.88 7.79 2.64
CA GLY A 108 -2.35 7.64 2.66
C GLY A 108 -2.94 8.01 1.32
N ILE A 109 -2.50 9.13 0.75
CA ILE A 109 -3.11 9.73 -0.47
C ILE A 109 -2.07 9.81 -1.60
N GLY A 110 -0.80 10.00 -1.29
CA GLY A 110 0.27 10.06 -2.32
C GLY A 110 0.23 11.39 -3.05
N GLY A 111 0.40 11.39 -4.37
CA GLY A 111 0.93 12.57 -5.06
C GLY A 111 -0.20 13.50 -5.51
N LEU A 112 -1.00 13.98 -4.56
CA LEU A 112 -2.28 14.67 -4.89
C LEU A 112 -1.98 16.01 -5.59
N THR A 113 -0.98 16.75 -5.09
CA THR A 113 -0.48 18.03 -5.69
C THR A 113 -0.07 17.79 -7.15
N ASN A 114 0.80 16.82 -7.37
CA ASN A 114 1.25 16.50 -8.75
C ASN A 114 0.04 16.13 -9.60
N ILE A 115 -0.91 15.37 -9.06
CA ILE A 115 -2.08 14.95 -9.88
C ILE A 115 -2.93 16.18 -10.18
N GLU A 116 -3.11 17.05 -9.20
CA GLU A 116 -3.87 18.32 -9.38
C GLU A 116 -3.23 19.13 -10.50
N ASN A 117 -1.93 19.38 -10.42
CA ASN A 117 -1.18 20.24 -11.37
C ASN A 117 -1.26 19.64 -12.78
N ASN A 118 -1.22 18.33 -12.91
CA ASN A 118 -1.24 17.65 -14.23
C ASN A 118 -2.67 17.66 -14.75
N CYS A 119 -3.65 17.62 -13.85
CA CYS A 119 -5.08 17.73 -14.20
C CYS A 119 -5.33 19.13 -14.77
N ARG A 120 -4.72 20.15 -14.17
CA ARG A 120 -4.78 21.55 -14.62
C ARG A 120 -4.24 21.63 -16.07
N SER A 121 -3.06 21.05 -16.33
CA SER A 121 -2.43 20.97 -17.69
C SER A 121 -3.38 20.24 -18.65
N LEU A 122 -3.85 19.05 -18.26
CA LEU A 122 -4.72 18.23 -19.15
C LEU A 122 -5.92 19.04 -19.62
N PHE A 123 -6.62 19.73 -18.72
CA PHE A 123 -7.93 20.37 -19.00
C PHE A 123 -7.73 21.71 -19.73
N GLU A 124 -6.69 22.47 -19.39
CA GLU A 124 -6.44 23.85 -19.92
C GLU A 124 -5.66 23.72 -21.24
N GLN A 125 -4.77 22.72 -21.40
CA GLN A 125 -3.79 22.67 -22.54
C GLN A 125 -3.76 21.33 -23.26
N GLY A 126 -4.33 20.27 -22.69
CA GLY A 126 -4.44 18.99 -23.38
C GLY A 126 -3.42 17.97 -22.89
N PRO A 127 -3.59 16.71 -23.33
CA PRO A 127 -2.77 15.59 -22.86
C PRO A 127 -1.29 15.68 -23.15
N ARG A 128 -0.88 16.37 -24.24
CA ARG A 128 0.54 16.45 -24.63
C ARG A 128 1.30 17.31 -23.61
N ARG A 129 0.60 17.99 -22.72
CA ARG A 129 1.29 18.83 -21.69
C ARG A 129 1.43 18.06 -20.37
N ILE A 130 0.91 16.83 -20.28
CA ILE A 130 1.12 16.02 -19.03
C ILE A 130 2.61 15.67 -18.95
N SER A 131 3.22 15.84 -17.76
CA SER A 131 4.65 15.52 -17.50
C SER A 131 4.92 14.07 -17.90
N PRO A 132 6.05 13.80 -18.58
CA PRO A 132 6.52 12.42 -18.78
C PRO A 132 6.77 11.65 -17.47
N PHE A 133 7.02 12.39 -16.40
CA PHE A 133 7.35 11.83 -15.07
C PHE A 133 6.09 11.73 -14.20
N PHE A 134 4.91 12.01 -14.75
CA PHE A 134 3.62 12.06 -14.02
C PHE A 134 3.42 10.79 -13.17
N VAL A 135 3.49 9.60 -13.78
CA VAL A 135 3.21 8.33 -13.07
C VAL A 135 4.32 8.02 -12.06
N PRO A 136 5.61 7.82 -12.48
CA PRO A 136 6.66 7.50 -11.52
C PRO A 136 6.89 8.63 -10.50
N GLY A 137 6.46 9.86 -10.83
CA GLY A 137 6.62 10.99 -9.90
C GLY A 137 5.49 11.13 -8.89
N SER A 138 4.41 10.34 -9.01
CA SER A 138 3.16 10.53 -8.24
C SER A 138 2.77 9.28 -7.44
N ILE A 139 3.13 8.07 -7.90
CA ILE A 139 2.53 6.84 -7.30
C ILE A 139 3.28 6.48 -6.01
N ILE A 140 2.54 5.87 -5.10
CA ILE A 140 2.92 5.83 -3.67
C ILE A 140 4.20 5.00 -3.48
N ASN A 141 4.43 4.00 -4.33
CA ASN A 141 5.57 3.06 -4.08
C ASN A 141 6.91 3.70 -4.44
N MET A 142 6.96 4.95 -4.89
CA MET A 142 8.22 5.48 -5.47
C MET A 142 9.16 6.04 -4.38
N VAL A 143 8.72 6.18 -3.12
CA VAL A 143 9.67 6.44 -2.03
C VAL A 143 10.54 5.18 -1.91
N SER A 144 9.89 4.04 -1.73
CA SER A 144 10.56 2.72 -1.69
C SER A 144 11.43 2.52 -2.93
N GLY A 145 10.90 2.83 -4.10
CA GLY A 145 11.61 2.65 -5.37
C GLY A 145 12.87 3.51 -5.45
N PHE A 146 12.73 4.81 -5.27
CA PHE A 146 13.83 5.79 -5.43
C PHE A 146 14.85 5.55 -4.31
N LEU A 147 14.42 5.22 -3.09
CA LEU A 147 15.37 4.97 -2.00
C LEU A 147 16.22 3.76 -2.37
N SER A 148 15.57 2.70 -2.87
N SER A 148 15.57 2.68 -2.84
CA SER A 148 16.25 1.43 -3.25
CA SER A 148 16.25 1.43 -3.28
C SER A 148 17.28 1.70 -4.37
C SER A 148 17.31 1.77 -4.33
N ILE A 149 16.93 2.54 -5.36
CA ILE A 149 17.82 2.85 -6.51
C ILE A 149 19.04 3.63 -6.03
N HIS A 150 18.84 4.65 -5.20
CA HIS A 150 19.92 5.56 -4.74
C HIS A 150 20.82 4.89 -3.72
N LEU A 151 20.29 3.99 -2.85
CA LEU A 151 21.15 3.35 -1.82
C LEU A 151 21.57 1.94 -2.22
N GLY A 152 20.97 1.35 -3.24
CA GLY A 152 21.30 -0.01 -3.72
C GLY A 152 20.68 -1.07 -2.81
N LEU A 153 19.43 -0.86 -2.34
CA LEU A 153 18.71 -1.81 -1.47
C LEU A 153 17.96 -2.84 -2.32
N GLN A 154 18.25 -4.13 -2.13
CA GLN A 154 17.72 -5.19 -3.01
C GLN A 154 16.82 -6.13 -2.21
N GLY A 155 16.60 -5.83 -0.93
CA GLY A 155 15.63 -6.53 -0.07
C GLY A 155 14.18 -6.27 -0.48
N PRO A 156 13.22 -6.76 0.32
CA PRO A 156 11.79 -6.52 0.06
C PRO A 156 11.54 -5.04 -0.13
N ASN A 157 10.84 -4.76 -1.20
CA ASN A 157 10.57 -3.40 -1.69
C ASN A 157 9.08 -3.25 -1.93
N TYR A 158 8.40 -2.49 -1.08
CA TYR A 158 6.94 -2.38 -1.18
C TYR A 158 6.46 -1.13 -0.45
N ALA A 159 5.16 -0.90 -0.51
CA ALA A 159 4.52 0.31 0.03
C ALA A 159 3.12 -0.06 0.46
N LEU A 160 2.74 0.40 1.64
CA LEU A 160 1.36 0.25 2.16
C LEU A 160 0.61 1.56 1.92
N THR A 161 -0.70 1.44 1.77
CA THR A 161 -1.59 2.62 1.81
C THR A 161 -2.82 2.21 2.64
N THR A 162 -2.88 2.60 3.91
CA THR A 162 -4.01 2.31 4.82
C THR A 162 -4.44 3.62 5.45
N ALA A 163 -4.57 4.64 4.60
CA ALA A 163 -5.06 5.96 5.04
C ALA A 163 -4.27 6.40 6.27
N GLN A 164 -4.95 6.84 7.33
CA GLN A 164 -4.31 7.42 8.53
C GLN A 164 -3.53 6.39 9.36
N THR A 165 -3.59 5.10 9.00
CA THR A 165 -2.91 3.99 9.72
C THR A 165 -1.60 3.64 9.01
N THR A 166 -1.32 4.25 7.86
CA THR A 166 -0.26 3.79 6.94
C THR A 166 1.08 3.67 7.68
N GLY A 167 1.50 4.72 8.40
CA GLY A 167 2.84 4.76 9.01
C GLY A 167 3.02 3.62 10.02
N THR A 168 1.99 3.37 10.82
CA THR A 168 2.00 2.34 11.87
C THR A 168 2.07 0.97 11.21
N HIS A 169 1.19 0.71 10.27
CA HIS A 169 1.19 -0.58 9.52
C HIS A 169 2.53 -0.80 8.81
N SER A 170 3.09 0.24 8.18
CA SER A 170 4.35 0.12 7.42
C SER A 170 5.47 -0.38 8.35
N ILE A 171 5.58 0.25 9.52
CA ILE A 171 6.62 -0.08 10.54
C ILE A 171 6.36 -1.48 11.07
N GLY A 172 5.11 -1.80 11.45
CA GLY A 172 4.77 -3.12 11.98
C GLY A 172 5.10 -4.26 11.02
N MET A 173 4.68 -4.14 9.77
N MET A 173 4.70 -4.14 9.76
CA MET A 173 4.83 -5.20 8.73
CA MET A 173 4.86 -5.23 8.76
C MET A 173 6.31 -5.33 8.36
C MET A 173 6.30 -5.32 8.28
N ALA A 174 7.04 -4.21 8.31
CA ALA A 174 8.51 -4.21 8.08
C ALA A 174 9.18 -4.98 9.23
N ALA A 175 8.73 -4.79 10.49
CA ALA A 175 9.25 -5.57 11.65
C ALA A 175 8.98 -7.06 11.47
N ARG A 176 7.78 -7.42 11.02
CA ARG A 176 7.44 -8.84 10.71
C ARG A 176 8.38 -9.39 9.65
N ASN A 177 8.72 -8.61 8.62
CA ASN A 177 9.68 -9.06 7.57
C ASN A 177 10.96 -9.52 8.25
N ILE A 178 11.47 -8.71 9.17
CA ILE A 178 12.76 -8.97 9.85
C ILE A 178 12.55 -10.13 10.82
N ALA A 179 11.46 -10.09 11.58
CA ALA A 179 11.16 -11.10 12.62
C ALA A 179 11.21 -12.49 11.98
N TYR A 180 10.64 -12.65 10.79
CA TYR A 180 10.46 -13.96 10.12
C TYR A 180 11.61 -14.31 9.17
N GLY A 181 12.65 -13.46 9.06
CA GLY A 181 13.86 -13.80 8.28
C GLY A 181 13.85 -13.36 6.83
N GLU A 182 12.88 -12.55 6.40
CA GLU A 182 12.78 -12.12 4.98
C GLU A 182 13.75 -10.95 4.74
N ALA A 183 14.24 -10.30 5.80
CA ALA A 183 15.21 -9.20 5.69
C ALA A 183 15.90 -9.11 7.02
N ASP A 184 17.06 -8.48 7.06
CA ASP A 184 17.75 -8.19 8.33
C ASP A 184 17.55 -6.73 8.68
N VAL A 185 17.27 -5.88 7.70
CA VAL A 185 17.15 -4.41 7.92
C VAL A 185 15.97 -3.93 7.08
N MET A 186 15.16 -3.02 7.62
CA MET A 186 14.12 -2.38 6.79
C MET A 186 14.11 -0.90 7.15
N VAL A 187 14.00 -0.09 6.12
CA VAL A 187 13.63 1.33 6.29
C VAL A 187 12.11 1.40 6.11
N ALA A 188 11.41 1.91 7.10
CA ALA A 188 9.93 1.88 7.10
C ALA A 188 9.35 3.13 7.76
N GLY A 189 8.19 3.54 7.27
CA GLY A 189 7.48 4.71 7.79
C GLY A 189 6.53 5.20 6.72
N GLY A 190 6.37 6.51 6.66
CA GLY A 190 5.38 7.11 5.77
C GLY A 190 5.67 8.57 5.49
N SER A 191 4.99 9.08 4.47
CA SER A 191 5.10 10.50 4.09
C SER A 191 3.75 10.95 3.53
N GLU A 192 3.49 12.24 3.64
CA GLU A 192 2.22 12.79 3.17
C GLU A 192 2.44 14.26 2.82
N MET A 193 1.81 14.72 1.75
N MET A 193 1.81 14.69 1.73
CA MET A 193 1.66 16.16 1.43
CA MET A 193 1.67 16.11 1.34
C MET A 193 0.36 16.32 0.65
C MET A 193 0.33 16.26 0.62
N ALA A 194 -0.75 16.40 1.39
CA ALA A 194 -2.11 16.44 0.85
C ALA A 194 -2.63 17.88 0.92
N ALA A 195 -1.78 18.87 1.24
CA ALA A 195 -2.21 20.28 1.35
C ALA A 195 -2.26 20.90 -0.05
N CYS A 196 -3.19 20.43 -0.87
CA CYS A 196 -3.61 21.06 -2.15
C CYS A 196 -5.12 21.29 -2.10
N GLY A 197 -5.65 21.98 -3.11
CA GLY A 197 -7.09 22.25 -3.23
C GLY A 197 -7.89 20.97 -3.02
N LEU A 198 -7.49 19.87 -3.65
CA LEU A 198 -8.28 18.63 -3.57
C LEU A 198 -8.27 18.12 -2.13
N GLY A 199 -7.13 18.16 -1.47
CA GLY A 199 -7.00 17.67 -0.08
C GLY A 199 -7.80 18.49 0.90
N LEU A 200 -7.53 19.79 0.95
CA LEU A 200 -8.24 20.69 1.87
C LEU A 200 -9.70 20.72 1.45
N GLY A 201 -9.97 20.74 0.15
CA GLY A 201 -11.34 20.75 -0.38
C GLY A 201 -12.06 19.46 -0.04
N GLY A 202 -11.39 18.32 -0.25
CA GLY A 202 -12.06 17.01 -0.05
C GLY A 202 -12.37 16.80 1.41
N PHE A 203 -11.39 17.00 2.29
CA PHE A 203 -11.65 16.84 3.75
C PHE A 203 -12.66 17.90 4.20
N GLY A 204 -12.54 19.11 3.66
CA GLY A 204 -13.51 20.20 3.87
C GLY A 204 -14.92 19.77 3.49
N ALA A 205 -15.11 19.10 2.36
CA ALA A 205 -16.45 18.67 1.87
C ALA A 205 -17.06 17.67 2.85
N ALA A 206 -16.26 16.90 3.58
CA ALA A 206 -16.72 15.91 4.59
C ALA A 206 -16.91 16.61 5.94
N ARG A 207 -16.55 17.89 6.06
CA ARG A 207 -16.71 18.66 7.33
C ARG A 207 -15.86 18.03 8.43
N ALA A 208 -14.74 17.41 8.08
CA ALA A 208 -13.84 16.67 8.98
C ALA A 208 -12.79 17.58 9.62
N LEU A 209 -12.51 18.76 9.03
CA LEU A 209 -11.40 19.68 9.43
C LEU A 209 -11.88 20.71 10.44
N SER A 210 -11.03 21.07 11.40
CA SER A 210 -11.25 22.25 12.25
C SER A 210 -11.41 23.44 11.32
N THR A 211 -12.34 24.35 11.63
CA THR A 211 -12.46 25.62 10.85
C THR A 211 -12.04 26.81 11.73
N ARG A 212 -11.14 26.60 12.70
CA ARG A 212 -10.66 27.66 13.61
C ARG A 212 -9.61 28.53 12.92
N ASN A 213 -9.97 29.19 11.83
CA ASN A 213 -9.03 29.95 10.98
C ASN A 213 -8.40 31.09 11.77
N ASP A 214 -9.13 31.66 12.74
CA ASP A 214 -8.67 32.90 13.43
C ASP A 214 -7.76 32.55 14.60
N GLU A 215 -7.55 31.27 14.91
CA GLU A 215 -6.59 30.89 15.98
C GLU A 215 -6.06 29.50 15.66
N PRO A 216 -5.29 29.36 14.55
CA PRO A 216 -4.85 28.05 14.08
C PRO A 216 -4.08 27.21 15.11
N THR A 217 -3.26 27.85 15.96
CA THR A 217 -2.43 27.08 16.92
C THR A 217 -3.33 26.44 17.97
N ARG A 218 -4.56 26.91 18.14
CA ARG A 218 -5.53 26.33 19.12
C ARG A 218 -6.50 25.35 18.45
N ALA A 219 -6.41 25.12 17.13
CA ALA A 219 -7.40 24.32 16.39
C ALA A 219 -7.37 22.86 16.85
N SER A 220 -6.19 22.28 16.89
CA SER A 220 -5.96 20.86 17.26
C SER A 220 -5.99 20.75 18.79
N ARG A 221 -7.06 20.20 19.33
CA ARG A 221 -7.32 20.21 20.80
C ARG A 221 -7.95 18.87 21.17
N PRO A 222 -7.21 17.76 21.00
CA PRO A 222 -7.73 16.43 21.29
C PRO A 222 -8.29 16.30 22.71
N TRP A 223 -9.52 15.76 22.80
CA TRP A 223 -10.29 15.47 24.04
C TRP A 223 -10.80 16.78 24.68
N ASP A 224 -10.56 17.93 24.07
CA ASP A 224 -11.10 19.20 24.60
C ASP A 224 -12.56 19.32 24.16
N ARG A 225 -13.46 19.80 25.03
CA ARG A 225 -14.90 19.84 24.68
C ARG A 225 -15.16 20.77 23.50
N ASP A 226 -14.25 21.69 23.13
CA ASP A 226 -14.45 22.68 22.04
C ASP A 226 -13.74 22.23 20.75
N ARG A 227 -13.36 20.95 20.63
CA ARG A 227 -12.70 20.43 19.39
C ARG A 227 -13.75 20.38 18.29
N ASP A 228 -13.31 20.57 17.05
CA ASP A 228 -14.22 20.73 15.88
C ASP A 228 -13.58 20.13 14.62
N GLY A 229 -12.70 19.15 14.80
CA GLY A 229 -12.12 18.32 13.70
C GLY A 229 -10.60 18.39 13.64
N PHE A 230 -10.02 17.57 12.79
CA PHE A 230 -8.55 17.45 12.69
C PHE A 230 -7.99 18.61 11.90
N VAL A 231 -6.70 18.78 12.10
CA VAL A 231 -5.86 19.76 11.38
C VAL A 231 -4.96 18.97 10.41
N LEU A 232 -4.97 19.36 9.13
CA LEU A 232 -4.21 18.66 8.06
C LEU A 232 -2.75 19.11 8.10
N SER A 233 -1.85 18.13 8.14
CA SER A 233 -0.40 18.40 8.23
C SER A 233 0.38 17.50 7.27
N ASP A 234 1.61 17.95 7.01
CA ASP A 234 2.50 17.41 5.98
C ASP A 234 3.78 16.90 6.67
N GLY A 235 4.45 15.93 6.06
CA GLY A 235 5.77 15.52 6.52
C GLY A 235 5.99 14.05 6.31
N SER A 236 6.86 13.48 7.13
N SER A 236 6.94 13.49 7.06
CA SER A 236 7.46 12.14 6.91
CA SER A 236 7.42 12.10 6.90
C SER A 236 8.17 11.67 8.19
C SER A 236 8.17 11.66 8.16
N GLY A 237 8.08 10.35 8.46
CA GLY A 237 8.88 9.68 9.48
C GLY A 237 9.43 8.43 8.82
N ALA A 238 10.66 8.09 9.13
CA ALA A 238 11.27 6.81 8.72
C ALA A 238 12.10 6.31 9.90
N LEU A 239 12.08 5.01 10.09
CA LEU A 239 12.88 4.27 11.09
C LEU A 239 13.70 3.23 10.34
N VAL A 240 14.93 3.03 10.78
CA VAL A 240 15.72 1.83 10.40
C VAL A 240 15.45 0.76 11.46
N LEU A 241 14.77 -0.29 11.03
CA LEU A 241 14.45 -1.49 11.83
C LEU A 241 15.54 -2.51 11.51
N GLU A 242 16.04 -3.18 12.54
CA GLU A 242 17.19 -4.09 12.35
C GLU A 242 17.01 -5.31 13.25
N GLU A 243 17.30 -6.48 12.74
CA GLU A 243 17.38 -7.67 13.61
C GLU A 243 18.39 -7.40 14.72
N LEU A 244 18.04 -7.77 15.96
CA LEU A 244 18.84 -7.54 17.19
C LEU A 244 20.30 -7.99 17.02
N GLU A 245 20.53 -9.27 16.66
CA GLU A 245 21.92 -9.82 16.63
C GLU A 245 22.70 -9.11 15.52
N HIS A 246 22.06 -8.80 14.39
CA HIS A 246 22.67 -7.97 13.32
C HIS A 246 23.11 -6.62 13.90
N ALA A 247 22.25 -5.94 14.66
CA ALA A 247 22.58 -4.64 15.26
C ALA A 247 23.72 -4.83 16.28
N ARG A 248 23.67 -5.88 17.09
CA ARG A 248 24.71 -6.14 18.12
C ARG A 248 26.05 -6.40 17.44
N ALA A 249 26.04 -7.19 16.36
CA ALA A 249 27.25 -7.64 15.64
C ALA A 249 28.00 -6.41 15.11
N ARG A 250 27.30 -5.34 14.73
CA ARG A 250 27.98 -4.17 14.09
C ARG A 250 28.17 -3.05 15.12
N GLY A 251 27.80 -3.26 16.38
CA GLY A 251 27.94 -2.25 17.45
C GLY A 251 27.00 -1.08 17.26
N ALA A 252 25.79 -1.33 16.74
CA ALA A 252 24.81 -0.26 16.46
C ALA A 252 24.38 0.38 17.79
N ARG A 253 24.07 1.66 17.75
CA ARG A 253 23.29 2.32 18.81
C ARG A 253 21.84 1.85 18.62
N ILE A 254 21.24 1.30 19.68
CA ILE A 254 19.83 0.84 19.67
C ILE A 254 19.00 1.81 20.50
N TYR A 255 17.99 2.43 19.90
CA TYR A 255 17.14 3.41 20.60
C TYR A 255 16.15 2.68 21.51
N ALA A 256 15.57 1.61 21.00
CA ALA A 256 14.52 0.85 21.69
C ALA A 256 14.23 -0.43 20.89
N GLU A 257 13.48 -1.33 21.51
CA GLU A 257 13.06 -2.59 20.85
C GLU A 257 11.59 -2.44 20.44
N LEU A 258 11.26 -2.93 19.24
N LEU A 258 11.27 -2.92 19.23
CA LEU A 258 9.86 -3.06 18.77
CA LEU A 258 9.88 -3.09 18.75
C LEU A 258 9.38 -4.47 19.15
C LEU A 258 9.42 -4.48 19.19
N VAL A 259 8.56 -4.55 20.20
CA VAL A 259 8.18 -5.86 20.84
C VAL A 259 6.80 -6.32 20.38
N GLY A 260 5.95 -5.42 19.91
CA GLY A 260 4.55 -5.77 19.62
C GLY A 260 3.98 -5.00 18.46
N PHE A 261 3.14 -5.68 17.70
CA PHE A 261 2.39 -5.09 16.57
C PHE A 261 1.04 -5.75 16.50
N GLY A 262 0.01 -4.91 16.46
CA GLY A 262 -1.36 -5.38 16.31
C GLY A 262 -2.05 -4.71 15.14
N MET A 263 -3.02 -5.40 14.57
CA MET A 263 -3.92 -4.88 13.54
C MET A 263 -5.32 -5.39 13.86
N SER A 264 -6.33 -4.65 13.45
CA SER A 264 -7.73 -5.12 13.54
C SER A 264 -8.52 -4.29 12.55
N GLY A 265 -9.70 -4.77 12.16
CA GLY A 265 -10.66 -3.97 11.39
C GLY A 265 -11.88 -3.74 12.23
N ASP A 266 -12.39 -2.51 12.27
CA ASP A 266 -13.64 -2.18 12.97
C ASP A 266 -14.81 -2.89 12.29
N ALA A 267 -14.79 -2.99 10.95
CA ALA A 267 -15.96 -3.50 10.19
C ALA A 267 -17.23 -2.75 10.61
N PHE A 268 -17.15 -1.43 10.74
CA PHE A 268 -18.24 -0.59 11.28
C PHE A 268 -18.69 0.42 10.21
N HIS A 269 -17.82 1.36 9.79
CA HIS A 269 -18.20 2.52 8.94
C HIS A 269 -16.99 2.97 8.09
N MET A 270 -17.24 3.54 6.92
CA MET A 270 -16.18 3.98 5.97
C MET A 270 -15.27 4.98 6.68
N THR A 271 -15.82 5.88 7.48
CA THR A 271 -15.03 7.02 8.02
C THR A 271 -15.15 7.17 9.53
N ALA A 272 -16.26 6.75 10.13
CA ALA A 272 -16.55 6.99 11.55
C ALA A 272 -16.04 5.79 12.37
N PRO A 273 -15.36 6.06 13.49
CA PRO A 273 -14.98 5.03 14.44
C PRO A 273 -16.19 4.67 15.28
N PRO A 274 -16.33 3.41 15.74
CA PRO A 274 -17.43 3.07 16.64
C PRO A 274 -17.24 3.82 17.97
N GLU A 275 -18.32 4.26 18.58
CA GLU A 275 -18.32 5.05 19.86
C GLU A 275 -17.56 4.31 20.99
N ASP A 276 -17.69 2.98 21.06
CA ASP A 276 -17.10 2.15 22.15
C ASP A 276 -15.62 1.82 21.87
N GLY A 277 -15.08 2.10 20.69
CA GLY A 277 -13.66 1.84 20.40
C GLY A 277 -13.34 0.34 20.38
N ALA A 278 -14.33 -0.52 20.08
CA ALA A 278 -14.19 -1.98 20.15
C ALA A 278 -13.03 -2.43 19.22
N GLY A 279 -12.90 -1.83 18.02
CA GLY A 279 -11.85 -2.24 17.06
C GLY A 279 -10.48 -1.86 17.55
N ALA A 280 -10.34 -0.62 18.05
CA ALA A 280 -9.10 -0.12 18.67
C ALA A 280 -8.68 -1.02 19.85
N ALA A 281 -9.63 -1.42 20.70
CA ALA A 281 -9.35 -2.30 21.84
C ALA A 281 -8.85 -3.66 21.33
N ARG A 282 -9.50 -4.24 20.34
CA ARG A 282 -9.07 -5.56 19.81
C ARG A 282 -7.62 -5.41 19.33
N CYS A 283 -7.34 -4.33 18.60
CA CYS A 283 -5.99 -4.05 18.06
C CYS A 283 -4.95 -3.97 19.19
N MET A 284 -5.16 -3.15 20.22
CA MET A 284 -4.21 -3.00 21.35
C MET A 284 -4.00 -4.36 22.05
N LYS A 285 -5.07 -5.10 22.29
CA LYS A 285 -4.96 -6.43 22.93
C LYS A 285 -4.13 -7.36 22.05
N ASN A 286 -4.32 -7.36 20.73
CA ASN A 286 -3.47 -8.19 19.82
C ASN A 286 -2.01 -7.79 19.99
N ALA A 287 -1.73 -6.48 20.06
CA ALA A 287 -0.35 -5.94 20.15
C ALA A 287 0.30 -6.35 21.47
N LEU A 288 -0.44 -6.31 22.58
CA LEU A 288 0.14 -6.58 23.92
C LEU A 288 0.40 -8.08 24.04
N ARG A 289 -0.53 -8.91 23.52
CA ARG A 289 -0.31 -10.37 23.48
C ARG A 289 0.94 -10.67 22.63
N ASP A 290 1.05 -10.03 21.47
CA ASP A 290 2.21 -10.16 20.54
C ASP A 290 3.49 -9.84 21.31
N ALA A 291 3.45 -8.85 22.23
CA ALA A 291 4.66 -8.41 22.97
C ALA A 291 4.88 -9.24 24.24
N GLY A 292 3.96 -10.13 24.58
CA GLY A 292 4.05 -10.97 25.79
C GLY A 292 3.94 -10.15 27.04
N LEU A 293 3.11 -9.10 27.04
CA LEU A 293 3.01 -8.12 28.14
C LEU A 293 1.67 -8.24 28.90
N ASP A 294 1.76 -8.06 30.21
CA ASP A 294 0.67 -7.63 31.10
C ASP A 294 0.32 -6.20 30.71
N PRO A 295 -0.96 -5.88 30.42
CA PRO A 295 -1.35 -4.50 30.08
C PRO A 295 -0.85 -3.48 31.10
N ARG A 296 -0.76 -3.88 32.38
CA ARG A 296 -0.28 -2.96 33.45
C ARG A 296 1.16 -2.52 33.18
N GLN A 297 1.90 -3.15 32.26
CA GLN A 297 3.31 -2.74 31.97
C GLN A 297 3.31 -1.48 31.11
N VAL A 298 2.19 -1.14 30.47
CA VAL A 298 2.16 0.06 29.57
C VAL A 298 2.24 1.33 30.43
N ASP A 299 3.26 2.15 30.17
CA ASP A 299 3.46 3.42 30.91
C ASP A 299 2.99 4.61 30.08
N TYR A 300 3.17 4.58 28.77
CA TYR A 300 2.86 5.75 27.90
C TYR A 300 2.13 5.28 26.64
N ILE A 301 1.07 6.02 26.30
CA ILE A 301 0.38 5.81 24.99
C ILE A 301 0.45 7.10 24.17
N ASN A 302 1.02 7.01 22.98
CA ASN A 302 0.91 8.08 21.97
C ASN A 302 -0.37 7.78 21.22
N ALA A 303 -1.42 8.52 21.57
CA ALA A 303 -2.78 8.30 21.05
C ALA A 303 -2.82 8.64 19.56
N HIS A 304 -3.78 8.09 18.84
CA HIS A 304 -4.13 8.66 17.53
C HIS A 304 -4.60 10.11 17.73
N GLY A 305 -5.60 10.34 18.61
CA GLY A 305 -5.93 11.67 19.16
C GLY A 305 -6.05 12.76 18.09
N THR A 306 -6.97 12.60 17.14
CA THR A 306 -7.08 13.46 15.93
C THR A 306 -7.75 14.81 16.22
N SER A 307 -8.42 14.97 17.37
CA SER A 307 -9.24 16.19 17.66
C SER A 307 -10.57 16.15 16.88
N THR A 308 -11.10 14.96 16.61
CA THR A 308 -12.49 14.81 16.10
C THR A 308 -13.37 14.44 17.29
N PRO A 309 -14.61 14.96 17.33
CA PRO A 309 -15.57 14.59 18.40
C PRO A 309 -15.60 13.07 18.67
N ALA A 310 -15.88 12.27 17.66
CA ALA A 310 -16.11 10.80 17.81
C ALA A 310 -14.79 10.03 17.97
N GLY A 311 -13.72 10.39 17.25
CA GLY A 311 -12.44 9.66 17.34
C GLY A 311 -11.83 9.76 18.72
N ASP A 312 -11.76 10.96 19.30
CA ASP A 312 -11.08 11.17 20.60
C ASP A 312 -11.81 10.35 21.68
N ILE A 313 -13.13 10.35 21.71
CA ILE A 313 -13.88 9.66 22.81
C ILE A 313 -13.81 8.14 22.59
N ALA A 314 -13.81 7.63 21.35
CA ALA A 314 -13.67 6.18 21.06
C ALA A 314 -12.36 5.66 21.66
N GLU A 315 -11.30 6.46 21.57
CA GLU A 315 -9.95 6.08 22.05
C GLU A 315 -9.94 6.01 23.57
N ILE A 316 -10.65 6.90 24.25
CA ILE A 316 -10.76 6.82 25.74
C ILE A 316 -11.45 5.50 26.06
N ALA A 317 -12.56 5.20 25.40
CA ALA A 317 -13.37 3.99 25.64
C ALA A 317 -12.48 2.75 25.43
N ALA A 318 -11.72 2.70 24.32
CA ALA A 318 -10.79 1.59 24.01
C ALA A 318 -9.72 1.44 25.10
N VAL A 319 -9.07 2.53 25.50
CA VAL A 319 -8.01 2.49 26.55
C VAL A 319 -8.60 2.01 27.88
N LYS A 320 -9.79 2.49 28.27
CA LYS A 320 -10.43 2.04 29.54
C LYS A 320 -10.75 0.55 29.43
N SER A 321 -11.21 0.08 28.28
CA SER A 321 -11.62 -1.32 28.05
C SER A 321 -10.38 -2.22 28.16
N VAL A 322 -9.25 -1.80 27.59
CA VAL A 322 -8.02 -2.63 27.52
C VAL A 322 -7.34 -2.62 28.88
N PHE A 323 -7.28 -1.47 29.54
CA PHE A 323 -6.38 -1.32 30.70
C PHE A 323 -7.15 -1.33 32.03
N GLY A 324 -8.48 -1.22 32.05
CA GLY A 324 -9.29 -1.20 33.28
C GLY A 324 -8.70 -0.19 34.25
N GLU A 325 -8.37 -0.60 35.48
CA GLU A 325 -7.93 0.38 36.52
C GLU A 325 -6.57 0.97 36.14
N HIS A 326 -5.73 0.22 35.43
CA HIS A 326 -4.40 0.73 35.02
C HIS A 326 -4.55 1.93 34.05
N ALA A 327 -5.70 2.10 33.42
CA ALA A 327 -5.97 3.25 32.52
C ALA A 327 -5.74 4.55 33.26
N HIS A 328 -5.91 4.56 34.58
CA HIS A 328 -5.69 5.75 35.43
C HIS A 328 -4.23 5.91 35.86
N ALA A 329 -3.32 4.98 35.59
CA ALA A 329 -1.89 5.09 35.99
C ALA A 329 -0.99 5.42 34.79
N LEU A 330 -1.31 4.91 33.60
CA LEU A 330 -0.51 5.22 32.40
C LEU A 330 -0.76 6.69 32.05
N SER A 331 0.11 7.24 31.24
CA SER A 331 0.00 8.59 30.63
C SER A 331 -0.34 8.43 29.14
N MET A 332 -1.29 9.18 28.63
CA MET A 332 -1.67 9.11 27.20
C MET A 332 -1.70 10.53 26.68
N SER A 333 -1.02 10.79 25.59
CA SER A 333 -1.05 12.13 24.97
C SER A 333 -1.15 12.03 23.44
N SER A 334 -1.66 13.10 22.86
CA SER A 334 -1.74 13.29 21.41
C SER A 334 -0.78 14.41 21.04
N THR A 335 0.30 14.05 20.38
CA THR A 335 1.29 14.98 19.78
C THR A 335 0.64 15.68 18.58
N LYS A 336 -0.51 15.20 18.11
CA LYS A 336 -1.25 15.90 17.03
C LYS A 336 -1.77 17.25 17.53
N SER A 337 -1.88 17.42 18.84
CA SER A 337 -2.18 18.73 19.47
C SER A 337 -1.21 19.79 18.95
N MET A 338 0.04 19.39 18.66
CA MET A 338 1.13 20.31 18.20
C MET A 338 1.41 20.15 16.69
N THR A 339 1.40 18.92 16.18
CA THR A 339 1.85 18.63 14.79
C THR A 339 0.70 18.68 13.80
N GLY A 340 -0.53 18.56 14.29
CA GLY A 340 -1.68 18.19 13.47
C GLY A 340 -1.52 16.79 12.95
N HIS A 341 -2.38 16.43 12.01
CA HIS A 341 -2.62 15.06 11.51
C HIS A 341 -1.87 14.86 10.19
N LEU A 342 -0.75 14.12 10.25
CA LEU A 342 0.12 13.88 9.08
C LEU A 342 -0.40 12.70 8.28
N LEU A 343 -1.60 12.21 8.63
CA LEU A 343 -2.35 11.23 7.82
C LEU A 343 -1.45 10.00 7.71
N GLY A 344 -1.01 9.63 6.49
CA GLY A 344 -0.22 8.39 6.31
C GLY A 344 1.12 8.46 7.02
N ALA A 345 1.62 9.67 7.27
CA ALA A 345 2.89 9.88 8.00
C ALA A 345 2.64 9.95 9.51
N ALA A 346 1.39 10.07 9.99
CA ALA A 346 1.10 10.24 11.43
C ALA A 346 1.75 9.12 12.26
N GLY A 347 1.53 7.87 11.87
CA GLY A 347 2.03 6.71 12.64
C GLY A 347 3.54 6.66 12.65
N ALA A 348 4.18 7.17 11.60
CA ALA A 348 5.65 7.10 11.49
C ALA A 348 6.28 8.17 12.42
N VAL A 349 5.83 9.42 12.37
CA VAL A 349 6.39 10.44 13.30
C VAL A 349 6.04 10.05 14.74
N GLU A 350 4.86 9.48 14.97
CA GLU A 350 4.38 9.19 16.35
C GLU A 350 5.14 8.00 16.90
N ALA A 351 5.51 7.04 16.06
CA ALA A 351 6.42 5.94 16.46
C ALA A 351 7.76 6.55 16.92
N ILE A 352 8.27 7.54 16.18
CA ILE A 352 9.55 8.19 16.56
C ILE A 352 9.35 8.91 17.89
N PHE A 353 8.22 9.60 18.09
CA PHE A 353 8.00 10.33 19.37
C PHE A 353 7.90 9.32 20.52
N SER A 354 7.34 8.14 20.26
CA SER A 354 7.17 7.06 21.27
C SER A 354 8.54 6.50 21.65
N VAL A 355 9.42 6.28 20.69
CA VAL A 355 10.81 5.86 20.93
C VAL A 355 11.54 6.94 21.76
N LEU A 356 11.34 8.23 21.45
CA LEU A 356 12.07 9.29 22.18
C LEU A 356 11.48 9.45 23.57
N ALA A 357 10.19 9.15 23.73
CA ALA A 357 9.58 9.18 25.08
C ALA A 357 10.32 8.13 25.94
N LEU A 358 10.66 6.96 25.38
CA LEU A 358 11.46 5.94 26.09
C LEU A 358 12.88 6.47 26.35
N ARG A 359 13.53 7.06 25.35
CA ARG A 359 14.93 7.52 25.49
C ARG A 359 15.00 8.53 26.64
N ASP A 360 14.07 9.48 26.70
CA ASP A 360 14.17 10.69 27.57
C ASP A 360 13.29 10.56 28.80
N GLN A 361 12.47 9.51 28.90
CA GLN A 361 11.63 9.27 30.11
C GLN A 361 10.73 10.49 30.34
N VAL A 362 10.04 10.89 29.29
CA VAL A 362 9.10 12.03 29.35
C VAL A 362 7.93 11.74 28.43
N ALA A 363 6.73 12.02 28.94
CA ALA A 363 5.47 12.01 28.19
C ALA A 363 5.30 13.39 27.59
N PRO A 364 5.20 13.46 26.26
CA PRO A 364 4.90 14.72 25.58
C PRO A 364 3.52 15.20 25.96
N PRO A 365 3.29 16.52 25.91
CA PRO A 365 2.01 17.08 26.29
C PRO A 365 0.91 16.88 25.24
N THR A 366 -0.35 16.86 25.66
CA THR A 366 -1.51 17.21 24.80
C THR A 366 -1.73 18.71 25.04
N ILE A 367 -1.22 19.56 24.16
CA ILE A 367 -1.47 21.02 24.31
C ILE A 367 -2.95 21.29 23.98
N ASN A 368 -3.46 22.47 24.40
CA ASN A 368 -4.82 22.98 24.10
C ASN A 368 -5.91 22.23 24.88
N LEU A 369 -5.55 21.40 25.86
CA LEU A 369 -6.56 20.56 26.54
C LEU A 369 -7.09 21.38 27.72
N ASP A 370 -7.86 22.43 27.43
CA ASP A 370 -8.25 23.44 28.43
C ASP A 370 -9.39 22.86 29.25
N ASN A 371 -10.33 22.21 28.57
CA ASN A 371 -11.55 21.68 29.24
C ASN A 371 -11.77 20.27 28.71
N PRO A 372 -11.16 19.24 29.35
CA PRO A 372 -11.40 17.85 28.98
C PRO A 372 -12.90 17.56 28.85
N ASP A 373 -13.29 16.77 27.85
CA ASP A 373 -14.70 16.50 27.57
C ASP A 373 -15.23 15.46 28.57
N GLU A 374 -16.54 15.27 28.55
CA GLU A 374 -17.26 14.21 29.31
C GLU A 374 -16.51 12.89 29.09
N GLY A 375 -16.00 12.30 30.17
CA GLY A 375 -15.43 10.94 30.21
C GLY A 375 -13.92 10.90 29.93
N CYS A 376 -13.32 12.05 29.60
CA CYS A 376 -11.90 12.19 29.20
C CYS A 376 -11.11 12.52 30.47
N ASP A 377 -11.11 11.59 31.43
CA ASP A 377 -10.67 11.82 32.83
C ASP A 377 -9.36 11.06 33.10
N LEU A 378 -8.66 10.61 32.06
CA LEU A 378 -7.37 9.91 32.22
C LEU A 378 -6.27 10.97 32.39
N ASP A 379 -5.04 10.52 32.68
CA ASP A 379 -3.84 11.38 32.56
C ASP A 379 -3.55 11.59 31.06
N LEU A 380 -3.97 12.73 30.53
CA LEU A 380 -3.79 13.06 29.10
C LEU A 380 -2.65 14.05 28.90
N VAL A 381 -1.81 14.20 29.93
CA VAL A 381 -0.62 15.06 29.95
C VAL A 381 -1.00 16.46 29.42
N ALA A 382 -2.05 17.07 29.97
CA ALA A 382 -2.52 18.40 29.51
C ALA A 382 -1.38 19.42 29.59
N HIS A 383 -1.21 20.20 28.53
CA HIS A 383 -0.48 21.49 28.54
C HIS A 383 1.05 21.32 28.56
N GLU A 384 1.61 20.50 29.43
CA GLU A 384 3.09 20.45 29.68
C GLU A 384 3.60 19.01 29.77
N ALA A 385 4.78 18.80 29.20
CA ALA A 385 5.51 17.51 29.19
C ALA A 385 5.62 17.03 30.63
N LYS A 386 5.56 15.72 30.82
CA LYS A 386 5.58 15.10 32.16
C LYS A 386 6.72 14.09 32.20
N PRO A 387 7.84 14.42 32.87
CA PRO A 387 8.88 13.44 33.12
C PRO A 387 8.25 12.32 33.95
N ARG A 388 8.58 11.07 33.63
CA ARG A 388 8.01 9.91 34.36
C ARG A 388 8.73 8.64 33.91
N LYS A 389 8.47 7.56 34.63
CA LYS A 389 9.04 6.27 34.25
C LYS A 389 8.24 5.75 33.03
N ILE A 390 8.95 5.36 31.99
CA ILE A 390 8.34 4.73 30.79
C ILE A 390 9.25 3.56 30.39
N ASP A 391 8.81 2.34 30.67
CA ASP A 391 9.49 1.12 30.18
C ASP A 391 8.87 0.68 28.85
N VAL A 392 7.57 0.86 28.73
CA VAL A 392 6.77 0.35 27.57
C VAL A 392 5.91 1.51 27.05
N ALA A 393 6.01 1.78 25.77
CA ALA A 393 5.25 2.84 25.10
C ALA A 393 4.48 2.21 23.94
N LEU A 394 3.24 2.65 23.77
N LEU A 394 3.19 2.54 23.86
CA LEU A 394 2.29 2.14 22.74
CA LEU A 394 2.29 2.19 22.73
C LEU A 394 1.92 3.31 21.82
C LEU A 394 2.21 3.38 21.77
N SER A 395 1.93 3.10 20.50
CA SER A 395 1.53 4.12 19.51
C SER A 395 0.35 3.54 18.71
N ASN A 396 -0.78 4.25 18.75
CA ASN A 396 -2.05 3.83 18.09
C ASN A 396 -2.33 4.69 16.86
N SER A 397 -2.88 4.05 15.83
CA SER A 397 -3.44 4.73 14.64
C SER A 397 -4.73 4.00 14.25
N PHE A 398 -5.71 4.78 13.79
N PHE A 398 -5.75 4.77 13.91
CA PHE A 398 -7.02 4.31 13.28
CA PHE A 398 -6.96 4.26 13.19
C PHE A 398 -7.36 5.13 12.02
C PHE A 398 -7.10 5.06 11.90
N GLY A 399 -7.82 4.49 10.93
CA GLY A 399 -8.06 5.15 9.66
C GLY A 399 -9.38 4.79 9.05
N PHE A 400 -9.73 5.56 8.02
CA PHE A 400 -10.84 5.25 7.10
C PHE A 400 -10.76 3.78 6.74
N GLY A 401 -11.94 3.18 6.59
CA GLY A 401 -12.10 1.75 6.31
C GLY A 401 -12.05 0.94 7.58
N GLY A 402 -12.00 1.59 8.75
CA GLY A 402 -12.00 0.95 10.06
C GLY A 402 -10.71 0.19 10.32
N THR A 403 -9.60 0.66 9.76
N THR A 403 -9.63 0.67 9.69
CA THR A 403 -8.29 -0.05 9.83
CA THR A 403 -8.27 0.13 9.82
C THR A 403 -7.45 0.50 10.99
C THR A 403 -7.71 0.53 11.19
N ASN A 404 -7.07 -0.39 11.90
CA ASN A 404 -6.38 -0.08 13.19
C ASN A 404 -4.99 -0.72 13.20
N GLY A 405 -4.06 0.00 13.79
CA GLY A 405 -2.71 -0.49 14.06
C GLY A 405 -2.21 0.01 15.38
N THR A 406 -1.48 -0.84 16.06
CA THR A 406 -0.82 -0.51 17.33
C THR A 406 0.61 -1.02 17.25
N LEU A 407 1.55 -0.20 17.72
CA LEU A 407 2.96 -0.60 17.88
C LEU A 407 3.30 -0.51 19.36
N VAL A 408 4.06 -1.50 19.83
CA VAL A 408 4.56 -1.55 21.21
C VAL A 408 6.08 -1.53 21.18
N PHE A 409 6.65 -0.54 21.88
CA PHE A 409 8.10 -0.33 21.98
C PHE A 409 8.47 -0.49 23.46
N ARG A 410 9.67 -0.93 23.74
CA ARG A 410 10.17 -0.88 25.14
C ARG A 410 11.66 -0.56 25.14
N ARG A 411 12.13 -0.12 26.29
CA ARG A 411 13.58 0.16 26.48
C ARG A 411 14.39 -1.09 26.16
N PHE A 412 15.53 -0.90 25.54
CA PHE A 412 16.50 -2.00 25.34
C PHE A 412 17.73 -1.79 26.23
N ALA A 413 18.08 -2.80 27.04
CA ALA A 413 19.38 -2.91 27.76
C ALA A 413 20.04 -4.24 27.42
N SER B 2 8.54 -23.16 12.15
CA SER B 2 7.60 -23.88 11.23
C SER B 2 6.47 -22.94 10.76
N ARG B 3 5.62 -23.42 9.83
CA ARG B 3 4.74 -22.56 9.00
C ARG B 3 3.51 -23.33 8.53
N ARG B 4 2.35 -22.69 8.47
CA ARG B 4 1.10 -23.37 8.05
C ARG B 4 0.99 -23.29 6.53
N ARG B 5 0.29 -24.26 5.97
CA ARG B 5 0.09 -24.37 4.52
C ARG B 5 -1.11 -23.48 4.16
N VAL B 6 -1.06 -22.91 2.95
CA VAL B 6 -2.05 -21.94 2.41
C VAL B 6 -2.59 -22.46 1.08
N VAL B 7 -3.92 -22.54 0.98
CA VAL B 7 -4.59 -23.01 -0.24
C VAL B 7 -5.55 -21.91 -0.71
N ILE B 8 -5.93 -22.03 -1.97
CA ILE B 8 -6.85 -21.10 -2.67
C ILE B 8 -8.20 -21.80 -2.70
N THR B 9 -9.22 -21.19 -2.12
CA THR B 9 -10.56 -21.80 -2.01
C THR B 9 -11.63 -21.01 -2.77
N GLY B 10 -11.31 -19.83 -3.29
CA GLY B 10 -12.28 -18.97 -4.01
C GLY B 10 -11.54 -17.98 -4.88
N MET B 11 -12.10 -17.67 -6.05
CA MET B 11 -11.52 -16.68 -6.97
C MET B 11 -12.64 -15.83 -7.58
N GLY B 12 -12.32 -14.57 -7.82
CA GLY B 12 -13.23 -13.60 -8.47
C GLY B 12 -12.48 -12.67 -9.39
N MET B 13 -13.14 -12.13 -10.40
CA MET B 13 -12.43 -11.33 -11.43
C MET B 13 -13.41 -10.46 -12.19
N LEU B 14 -12.95 -9.27 -12.56
CA LEU B 14 -13.45 -8.51 -13.73
C LEU B 14 -12.24 -8.31 -14.65
N SER B 15 -12.40 -8.55 -15.93
CA SER B 15 -11.29 -8.37 -16.88
C SER B 15 -11.85 -7.89 -18.22
N PRO B 16 -10.96 -7.44 -19.15
CA PRO B 16 -11.42 -7.12 -20.48
C PRO B 16 -12.03 -8.32 -21.22
N LEU B 17 -11.87 -9.54 -20.71
CA LEU B 17 -12.40 -10.78 -21.36
C LEU B 17 -13.72 -11.22 -20.76
N GLY B 18 -14.11 -10.68 -19.59
CA GLY B 18 -15.35 -11.13 -18.96
C GLY B 18 -15.58 -10.56 -17.59
N LEU B 19 -16.79 -10.77 -17.08
CA LEU B 19 -17.27 -10.19 -15.81
C LEU B 19 -17.14 -11.21 -14.67
N ASP B 20 -16.47 -12.33 -14.93
CA ASP B 20 -16.18 -13.34 -13.88
C ASP B 20 -14.99 -14.21 -14.32
N VAL B 21 -14.62 -15.17 -13.49
CA VAL B 21 -13.43 -15.98 -13.76
C VAL B 21 -13.73 -16.91 -14.94
N PRO B 22 -14.80 -17.72 -14.92
CA PRO B 22 -15.02 -18.69 -16.00
C PRO B 22 -15.08 -18.02 -17.38
N SER B 23 -15.75 -16.88 -17.51
CA SER B 23 -15.85 -16.22 -18.83
C SER B 23 -14.47 -15.69 -19.25
N SER B 24 -13.77 -15.02 -18.34
CA SER B 24 -12.38 -14.55 -18.58
C SER B 24 -11.52 -15.72 -19.04
N TRP B 25 -11.56 -16.85 -18.31
CA TRP B 25 -10.69 -18.02 -18.60
C TRP B 25 -11.02 -18.61 -19.97
N GLU B 26 -12.31 -18.68 -20.33
CA GLU B 26 -12.73 -19.20 -21.65
C GLU B 26 -12.10 -18.34 -22.75
N GLY B 27 -12.08 -17.02 -22.55
CA GLY B 27 -11.47 -16.08 -23.50
C GLY B 27 -9.98 -16.36 -23.63
N ILE B 28 -9.32 -16.57 -22.49
CA ILE B 28 -7.85 -16.83 -22.39
C ILE B 28 -7.51 -18.08 -23.22
N LEU B 29 -8.18 -19.18 -22.96
CA LEU B 29 -7.92 -20.48 -23.65
C LEU B 29 -8.29 -20.41 -25.14
N ALA B 30 -9.19 -19.52 -25.55
CA ALA B 30 -9.59 -19.29 -26.97
C ALA B 30 -8.65 -18.29 -27.65
N GLY B 31 -7.66 -17.71 -26.97
CA GLY B 31 -6.78 -16.72 -27.61
C GLY B 31 -7.52 -15.44 -27.99
N ARG B 32 -8.61 -15.11 -27.32
CA ARG B 32 -9.43 -13.92 -27.63
C ARG B 32 -8.77 -12.67 -27.02
N SER B 33 -8.81 -11.55 -27.74
CA SER B 33 -8.37 -10.22 -27.24
C SER B 33 -9.55 -9.48 -26.60
N GLY B 34 -9.30 -8.82 -25.48
CA GLY B 34 -10.28 -7.92 -24.85
C GLY B 34 -9.95 -6.46 -25.16
N ILE B 35 -9.06 -6.21 -26.13
CA ILE B 35 -8.57 -4.82 -26.42
C ILE B 35 -9.41 -4.20 -27.55
N ALA B 36 -9.78 -2.93 -27.37
CA ALA B 36 -10.63 -2.19 -28.31
C ALA B 36 -10.46 -0.70 -28.09
N PRO B 37 -10.80 0.13 -29.10
CA PRO B 37 -10.83 1.56 -28.92
C PRO B 37 -11.73 1.87 -27.73
N ILE B 38 -11.28 2.81 -26.91
CA ILE B 38 -12.00 3.19 -25.65
C ILE B 38 -13.20 4.04 -26.05
N GLU B 39 -14.38 3.74 -25.49
CA GLU B 39 -15.64 4.46 -25.81
C GLU B 39 -15.98 5.50 -24.73
N HIS B 40 -16.90 6.43 -25.03
CA HIS B 40 -17.41 7.42 -24.05
C HIS B 40 -16.19 8.13 -23.42
N MET B 41 -15.43 8.78 -24.28
CA MET B 41 -14.20 9.52 -23.92
C MET B 41 -13.55 9.94 -25.23
N ASP B 42 -13.37 11.25 -25.45
CA ASP B 42 -12.81 11.78 -26.71
C ASP B 42 -11.29 11.67 -26.60
N LEU B 43 -10.69 10.72 -27.32
CA LEU B 43 -9.23 10.49 -27.22
C LEU B 43 -8.51 11.00 -28.48
N SER B 44 -9.15 11.88 -29.26
CA SER B 44 -8.55 12.50 -30.48
C SER B 44 -7.15 13.03 -30.23
N ALA B 45 -6.92 13.77 -29.15
CA ALA B 45 -5.64 14.46 -28.88
C ALA B 45 -4.57 13.50 -28.31
N TYR B 46 -4.94 12.25 -28.03
CA TYR B 46 -4.06 11.24 -27.37
C TYR B 46 -3.34 10.39 -28.41
N SER B 47 -2.12 9.94 -28.14
CA SER B 47 -1.35 9.05 -29.07
C SER B 47 -1.80 7.57 -28.98
N THR B 48 -2.49 7.18 -27.91
CA THR B 48 -3.15 5.86 -27.74
C THR B 48 -4.64 6.08 -27.50
N ARG B 49 -5.50 5.35 -28.22
CA ARG B 49 -6.96 5.53 -28.22
C ARG B 49 -7.69 4.22 -27.89
N PHE B 50 -6.95 3.20 -27.50
CA PHE B 50 -7.50 1.85 -27.24
C PHE B 50 -6.94 1.31 -25.89
N GLY B 51 -7.56 0.25 -25.41
CA GLY B 51 -7.20 -0.40 -24.14
C GLY B 51 -8.11 -1.57 -23.85
N GLY B 52 -7.92 -2.19 -22.67
CA GLY B 52 -8.80 -3.26 -22.17
C GLY B 52 -9.77 -2.70 -21.15
N SER B 53 -10.99 -2.44 -21.59
CA SER B 53 -12.12 -1.96 -20.77
C SER B 53 -12.89 -3.15 -20.21
N VAL B 54 -13.47 -2.99 -19.04
CA VAL B 54 -14.47 -3.96 -18.52
C VAL B 54 -15.81 -3.63 -19.20
N LYS B 55 -16.42 -4.59 -19.87
CA LYS B 55 -17.62 -4.37 -20.71
C LYS B 55 -18.88 -4.91 -20.01
N GLY B 56 -19.87 -4.03 -19.79
CA GLY B 56 -21.19 -4.40 -19.24
C GLY B 56 -21.20 -4.58 -17.72
N PHE B 57 -20.23 -4.05 -16.99
CA PHE B 57 -20.17 -4.22 -15.51
C PHE B 57 -21.42 -3.60 -14.89
N ASN B 58 -22.08 -4.38 -14.05
CA ASN B 58 -23.27 -3.92 -13.30
C ASN B 58 -22.94 -3.94 -11.80
N VAL B 59 -22.54 -2.80 -11.27
CA VAL B 59 -22.20 -2.64 -9.84
C VAL B 59 -23.42 -2.99 -8.95
N GLU B 60 -24.64 -2.84 -9.48
CA GLU B 60 -25.87 -3.03 -8.66
C GLU B 60 -26.12 -4.52 -8.41
N GLU B 61 -25.35 -5.42 -9.02
CA GLU B 61 -25.34 -6.83 -8.59
C GLU B 61 -24.71 -6.95 -7.19
N TYR B 62 -23.90 -5.95 -6.80
CA TYR B 62 -23.07 -6.01 -5.56
C TYR B 62 -23.50 -4.96 -4.56
N LEU B 63 -23.84 -3.77 -5.03
CA LEU B 63 -24.11 -2.61 -4.15
C LEU B 63 -25.40 -1.94 -4.60
N SER B 64 -26.05 -1.21 -3.68
CA SER B 64 -27.14 -0.26 -4.06
C SER B 64 -26.50 0.84 -4.91
N ALA B 65 -27.28 1.48 -5.77
CA ALA B 65 -26.82 2.62 -6.62
C ALA B 65 -26.21 3.68 -5.71
N LYS B 66 -26.85 3.92 -4.59
CA LYS B 66 -26.46 5.02 -3.66
C LYS B 66 -25.08 4.74 -3.04
N GLU B 67 -24.80 3.51 -2.60
N GLU B 67 -24.88 3.49 -2.59
CA GLU B 67 -23.46 3.19 -2.05
CA GLU B 67 -23.60 2.90 -2.10
C GLU B 67 -22.43 3.17 -3.19
C GLU B 67 -22.52 3.13 -3.16
N ALA B 68 -22.78 2.66 -4.38
CA ALA B 68 -21.85 2.66 -5.53
C ALA B 68 -21.44 4.10 -5.91
N ARG B 69 -22.34 5.07 -5.83
CA ARG B 69 -22.05 6.48 -6.22
C ARG B 69 -20.93 7.07 -5.35
N LYS B 70 -20.66 6.50 -4.18
CA LYS B 70 -19.64 7.04 -3.24
C LYS B 70 -18.25 6.55 -3.64
N LEU B 71 -18.14 5.57 -4.56
CA LEU B 71 -16.88 4.81 -4.77
C LEU B 71 -16.36 4.96 -6.21
N ASP B 72 -15.06 5.26 -6.33
CA ASP B 72 -14.38 5.24 -7.64
C ASP B 72 -14.60 3.86 -8.26
N LEU B 73 -14.55 3.81 -9.59
CA LEU B 73 -14.63 2.54 -10.36
C LEU B 73 -13.59 1.52 -9.89
N PHE B 74 -12.35 1.89 -9.60
CA PHE B 74 -11.35 0.85 -9.16
C PHE B 74 -11.83 0.16 -7.87
N ILE B 75 -12.52 0.87 -6.97
CA ILE B 75 -13.07 0.28 -5.72
C ILE B 75 -14.25 -0.62 -6.07
N GLN B 76 -15.13 -0.15 -6.96
CA GLN B 76 -16.29 -0.97 -7.38
C GLN B 76 -15.72 -2.29 -7.96
N TYR B 77 -14.67 -2.22 -8.77
CA TYR B 77 -14.13 -3.42 -9.45
C TYR B 77 -13.49 -4.38 -8.44
N GLY B 78 -12.74 -3.84 -7.47
CA GLY B 78 -12.11 -4.64 -6.41
C GLY B 78 -13.17 -5.30 -5.53
N LEU B 79 -14.24 -4.58 -5.21
CA LEU B 79 -15.39 -5.15 -4.43
C LEU B 79 -16.07 -6.25 -5.24
N ALA B 80 -16.35 -6.05 -6.53
CA ALA B 80 -16.96 -7.13 -7.35
C ALA B 80 -16.10 -8.40 -7.29
N ALA B 81 -14.78 -8.29 -7.53
CA ALA B 81 -13.90 -9.47 -7.55
C ALA B 81 -13.93 -10.15 -6.17
N SER B 82 -13.89 -9.35 -5.10
CA SER B 82 -13.80 -9.83 -3.69
C SER B 82 -15.09 -10.54 -3.31
N PHE B 83 -16.23 -9.94 -3.61
CA PHE B 83 -17.54 -10.55 -3.34
C PHE B 83 -17.62 -11.89 -4.10
N GLN B 84 -17.19 -11.91 -5.37
CA GLN B 84 -17.21 -13.14 -6.18
C GLN B 84 -16.36 -14.22 -5.50
N ALA B 85 -15.16 -13.84 -5.06
CA ALA B 85 -14.18 -14.79 -4.48
C ALA B 85 -14.77 -15.39 -3.20
N VAL B 86 -15.28 -14.56 -2.32
CA VAL B 86 -15.84 -14.98 -1.01
C VAL B 86 -17.00 -15.94 -1.28
N ARG B 87 -17.92 -15.56 -2.17
CA ARG B 87 -19.06 -16.41 -2.57
C ARG B 87 -18.52 -17.73 -3.15
N ASP B 88 -17.53 -17.66 -4.05
CA ASP B 88 -16.92 -18.87 -4.66
C ASP B 88 -16.35 -19.81 -3.59
N SER B 89 -15.83 -19.26 -2.50
CA SER B 89 -15.15 -20.06 -1.44
C SER B 89 -16.15 -20.89 -0.62
N GLY B 90 -17.41 -20.44 -0.56
CA GLY B 90 -18.44 -21.03 0.33
C GLY B 90 -18.20 -20.71 1.80
N LEU B 91 -17.26 -19.85 2.15
CA LEU B 91 -16.96 -19.51 3.56
C LEU B 91 -18.18 -18.89 4.24
N GLU B 92 -18.46 -19.34 5.45
CA GLU B 92 -19.52 -18.77 6.33
C GLU B 92 -18.81 -17.95 7.43
N VAL B 93 -18.95 -16.63 7.40
CA VAL B 93 -18.41 -15.70 8.42
C VAL B 93 -19.33 -15.75 9.65
N THR B 94 -18.75 -15.93 10.84
CA THR B 94 -19.46 -16.05 12.14
C THR B 94 -18.76 -15.21 13.20
N ASP B 95 -19.38 -15.04 14.37
CA ASP B 95 -18.70 -14.41 15.53
C ASP B 95 -17.49 -15.27 15.94
N ALA B 96 -17.49 -16.59 15.71
CA ALA B 96 -16.39 -17.50 16.09
C ALA B 96 -15.18 -17.33 15.16
N ASN B 97 -15.32 -16.78 13.93
CA ASN B 97 -14.15 -16.73 13.01
C ASN B 97 -13.88 -15.31 12.46
N ARG B 98 -14.73 -14.33 12.72
CA ARG B 98 -14.64 -13.06 11.95
C ARG B 98 -13.31 -12.35 12.26
N GLU B 99 -12.72 -12.53 13.43
CA GLU B 99 -11.43 -11.88 13.78
C GLU B 99 -10.29 -12.56 13.03
N ARG B 100 -10.54 -13.72 12.43
CA ARG B 100 -9.47 -14.52 11.78
C ARG B 100 -9.56 -14.33 10.25
N ILE B 101 -10.42 -13.42 9.78
CA ILE B 101 -10.65 -13.23 8.32
C ILE B 101 -10.36 -11.78 7.99
N GLY B 102 -9.33 -11.54 7.17
CA GLY B 102 -8.94 -10.20 6.79
C GLY B 102 -8.91 -10.00 5.29
N VAL B 103 -8.44 -8.81 4.88
N VAL B 103 -8.41 -8.85 4.86
CA VAL B 103 -8.46 -8.33 3.48
CA VAL B 103 -8.46 -8.44 3.43
C VAL B 103 -7.17 -7.59 3.17
C VAL B 103 -7.27 -7.55 3.12
N SER B 104 -6.62 -7.84 1.99
CA SER B 104 -5.51 -7.07 1.42
C SER B 104 -5.76 -6.97 -0.08
N MET B 105 -6.53 -5.97 -0.48
CA MET B 105 -6.81 -5.65 -1.87
C MET B 105 -6.14 -4.30 -2.12
N GLY B 106 -5.30 -4.28 -3.15
CA GLY B 106 -4.49 -3.12 -3.50
C GLY B 106 -4.83 -2.53 -4.85
N SER B 107 -4.12 -1.48 -5.16
CA SER B 107 -4.17 -0.79 -6.47
C SER B 107 -2.85 -0.10 -6.70
N GLY B 108 -2.44 0.00 -7.97
CA GLY B 108 -1.18 0.68 -8.35
C GLY B 108 -1.35 2.18 -8.38
N ILE B 109 -2.47 2.64 -8.94
CA ILE B 109 -2.73 4.06 -9.30
C ILE B 109 -3.97 4.58 -8.54
N GLY B 110 -4.93 3.71 -8.20
CA GLY B 110 -6.09 4.09 -7.38
C GLY B 110 -7.02 5.05 -8.10
N GLY B 111 -7.49 6.11 -7.44
CA GLY B 111 -8.73 6.80 -7.82
C GLY B 111 -8.53 7.93 -8.83
N LEU B 112 -7.75 7.73 -9.89
CA LEU B 112 -7.50 8.79 -10.92
C LEU B 112 -8.78 9.33 -11.56
N THR B 113 -9.72 8.45 -11.92
CA THR B 113 -11.00 8.80 -12.58
C THR B 113 -11.74 9.80 -11.69
N ASN B 114 -11.92 9.46 -10.41
N ASN B 114 -11.88 9.49 -10.41
CA ASN B 114 -12.61 10.31 -9.41
CA ASN B 114 -12.64 10.35 -9.46
C ASN B 114 -11.85 11.62 -9.23
C ASN B 114 -11.85 11.63 -9.17
N ILE B 115 -10.52 11.55 -9.09
CA ILE B 115 -9.66 12.76 -8.92
C ILE B 115 -9.89 13.69 -10.11
N GLU B 116 -9.84 13.13 -11.31
CA GLU B 116 -10.03 13.83 -12.59
C GLU B 116 -11.38 14.55 -12.59
N ASN B 117 -12.48 13.83 -12.32
CA ASN B 117 -13.85 14.41 -12.31
C ASN B 117 -14.03 15.46 -11.21
N ASN B 118 -13.23 15.44 -10.14
CA ASN B 118 -13.36 16.44 -9.04
C ASN B 118 -12.49 17.67 -9.32
N CYS B 119 -11.43 17.52 -10.13
CA CYS B 119 -10.57 18.64 -10.60
C CYS B 119 -11.41 19.59 -11.46
N ARG B 120 -12.22 19.02 -12.35
CA ARG B 120 -13.23 19.75 -13.15
C ARG B 120 -14.04 20.66 -12.21
N SER B 121 -14.81 20.09 -11.28
CA SER B 121 -15.61 20.87 -10.29
C SER B 121 -14.70 21.96 -9.67
N LEU B 122 -13.54 21.56 -9.14
CA LEU B 122 -12.67 22.44 -8.31
C LEU B 122 -12.23 23.66 -9.11
N PHE B 123 -11.74 23.46 -10.33
CA PHE B 123 -11.16 24.54 -11.18
C PHE B 123 -12.28 25.46 -11.70
N GLU B 124 -13.42 24.88 -12.08
CA GLU B 124 -14.58 25.62 -12.66
C GLU B 124 -15.36 26.37 -11.56
N GLN B 125 -15.75 25.64 -10.51
N GLN B 125 -15.79 25.68 -10.50
CA GLN B 125 -16.79 26.05 -9.52
CA GLN B 125 -16.76 26.22 -9.51
C GLN B 125 -16.19 26.27 -8.11
C GLN B 125 -16.21 26.18 -8.07
N GLY B 126 -14.92 25.90 -7.88
CA GLY B 126 -14.27 26.02 -6.55
C GLY B 126 -14.57 24.83 -5.61
N PRO B 127 -14.00 24.80 -4.38
CA PRO B 127 -14.04 23.62 -3.54
C PRO B 127 -15.43 23.17 -3.06
N ARG B 128 -16.43 24.03 -3.08
CA ARG B 128 -17.74 23.76 -2.43
C ARG B 128 -18.50 22.67 -3.21
N ARG B 129 -18.12 22.37 -4.46
CA ARG B 129 -18.77 21.32 -5.28
C ARG B 129 -18.10 19.97 -5.07
N ILE B 130 -16.92 19.90 -4.45
CA ILE B 130 -16.26 18.59 -4.17
C ILE B 130 -17.19 17.70 -3.33
N SER B 131 -17.40 16.45 -3.76
CA SER B 131 -18.18 15.43 -3.01
C SER B 131 -17.61 15.21 -1.60
N PRO B 132 -18.49 15.07 -0.59
CA PRO B 132 -18.10 14.71 0.77
C PRO B 132 -17.42 13.34 0.86
N PHE B 133 -17.71 12.49 -0.11
CA PHE B 133 -17.17 11.11 -0.22
C PHE B 133 -15.92 11.09 -1.09
N PHE B 134 -15.45 12.24 -1.58
CA PHE B 134 -14.25 12.32 -2.42
C PHE B 134 -13.07 11.53 -1.79
N VAL B 135 -12.66 11.84 -0.56
CA VAL B 135 -11.48 11.14 0.03
C VAL B 135 -11.78 9.65 0.23
N PRO B 136 -12.78 9.24 1.07
CA PRO B 136 -12.94 7.82 1.39
C PRO B 136 -13.29 7.03 0.13
N GLY B 137 -13.92 7.68 -0.85
CA GLY B 137 -14.33 7.08 -2.12
C GLY B 137 -13.20 6.96 -3.13
N SER B 138 -12.02 7.51 -2.82
CA SER B 138 -10.93 7.56 -3.83
C SER B 138 -9.68 6.86 -3.33
N ILE B 139 -9.55 6.60 -2.04
CA ILE B 139 -8.25 6.13 -1.46
C ILE B 139 -8.19 4.60 -1.60
N ILE B 140 -6.98 4.10 -1.75
CA ILE B 140 -6.74 2.72 -2.25
C ILE B 140 -7.21 1.70 -1.21
N ASN B 141 -7.20 2.04 0.08
CA ASN B 141 -7.51 1.06 1.16
C ASN B 141 -9.02 0.85 1.33
N MET B 142 -9.84 1.49 0.49
CA MET B 142 -11.30 1.39 0.65
C MET B 142 -11.86 0.11 0.07
N VAL B 143 -11.14 -0.64 -0.77
CA VAL B 143 -11.69 -1.97 -1.16
C VAL B 143 -11.65 -2.84 0.10
N SER B 144 -10.49 -2.90 0.75
CA SER B 144 -10.32 -3.64 2.03
C SER B 144 -11.32 -3.10 3.06
N GLY B 145 -11.41 -1.78 3.20
CA GLY B 145 -12.32 -1.13 4.14
C GLY B 145 -13.76 -1.54 3.87
N PHE B 146 -14.24 -1.33 2.64
CA PHE B 146 -15.68 -1.51 2.35
C PHE B 146 -16.02 -3.00 2.44
N LEU B 147 -15.10 -3.86 1.98
CA LEU B 147 -15.36 -5.31 2.01
C LEU B 147 -15.49 -5.76 3.48
N SER B 148 -14.58 -5.32 4.35
N SER B 148 -14.57 -5.31 4.33
CA SER B 148 -14.60 -5.69 5.79
CA SER B 148 -14.52 -5.57 5.79
C SER B 148 -15.92 -5.22 6.42
C SER B 148 -15.87 -5.20 6.42
N ILE B 149 -16.36 -4.00 6.11
CA ILE B 149 -17.62 -3.45 6.69
C ILE B 149 -18.79 -4.25 6.16
N HIS B 150 -18.83 -4.53 4.85
CA HIS B 150 -19.96 -5.26 4.25
C HIS B 150 -20.09 -6.68 4.79
N LEU B 151 -18.98 -7.41 4.98
CA LEU B 151 -19.00 -8.84 5.30
C LEU B 151 -18.71 -9.05 6.79
N GLY B 152 -18.43 -8.00 7.54
CA GLY B 152 -18.12 -8.14 8.98
C GLY B 152 -16.75 -8.78 9.19
N LEU B 153 -15.74 -8.44 8.37
CA LEU B 153 -14.39 -9.05 8.52
C LEU B 153 -13.58 -8.19 9.49
N GLN B 154 -13.01 -8.82 10.53
CA GLN B 154 -12.33 -8.08 11.63
C GLN B 154 -10.85 -8.45 11.72
N GLY B 155 -10.36 -9.30 10.81
CA GLY B 155 -8.94 -9.66 10.68
C GLY B 155 -8.08 -8.55 10.10
N PRO B 156 -6.80 -8.87 9.80
CA PRO B 156 -5.85 -7.90 9.26
C PRO B 156 -6.49 -7.22 8.06
N ASN B 157 -6.47 -5.89 8.08
N ASN B 157 -6.40 -5.89 8.03
CA ASN B 157 -7.11 -5.03 7.05
CA ASN B 157 -7.13 -5.00 7.09
C ASN B 157 -6.09 -4.03 6.53
C ASN B 157 -6.14 -3.98 6.51
N TYR B 158 -5.63 -4.22 5.31
CA TYR B 158 -4.59 -3.33 4.73
C TYR B 158 -4.65 -3.38 3.21
N ALA B 159 -3.82 -2.54 2.61
CA ALA B 159 -3.74 -2.43 1.14
C ALA B 159 -2.29 -2.13 0.76
N LEU B 160 -1.80 -2.90 -0.21
CA LEU B 160 -0.52 -2.67 -0.90
C LEU B 160 -0.74 -1.69 -2.06
N THR B 161 0.30 -0.94 -2.39
CA THR B 161 0.36 -0.16 -3.65
C THR B 161 1.82 -0.28 -4.11
N THR B 162 2.09 -1.27 -4.98
CA THR B 162 3.45 -1.48 -5.54
C THR B 162 3.36 -1.47 -7.05
N ALA B 163 2.70 -0.44 -7.58
CA ALA B 163 2.52 -0.22 -9.02
C ALA B 163 2.08 -1.53 -9.68
N GLN B 164 2.80 -2.00 -10.70
CA GLN B 164 2.36 -3.17 -11.51
C GLN B 164 2.59 -4.47 -10.74
N THR B 165 3.17 -4.42 -9.54
CA THR B 165 3.50 -5.63 -8.72
C THR B 165 2.42 -5.83 -7.66
N THR B 166 1.47 -4.89 -7.56
CA THR B 166 0.50 -4.81 -6.43
C THR B 166 -0.21 -6.15 -6.21
N GLY B 167 -0.85 -6.73 -7.22
CA GLY B 167 -1.68 -7.93 -7.03
C GLY B 167 -0.87 -9.13 -6.54
N THR B 168 0.35 -9.25 -7.02
CA THR B 168 1.29 -10.33 -6.62
C THR B 168 1.68 -10.11 -5.17
N HIS B 169 2.09 -8.89 -4.82
CA HIS B 169 2.56 -8.64 -3.43
C HIS B 169 1.37 -8.83 -2.47
N SER B 170 0.18 -8.41 -2.87
CA SER B 170 -1.02 -8.47 -2.01
C SER B 170 -1.29 -9.93 -1.65
N ILE B 171 -1.27 -10.79 -2.65
CA ILE B 171 -1.53 -12.23 -2.45
C ILE B 171 -0.38 -12.84 -1.62
N GLY B 172 0.87 -12.56 -1.96
CA GLY B 172 1.97 -13.16 -1.20
C GLY B 172 1.96 -12.76 0.27
N MET B 173 1.72 -11.48 0.55
N MET B 173 1.75 -11.49 0.56
CA MET B 173 1.77 -10.95 1.93
CA MET B 173 1.79 -11.02 1.96
C MET B 173 0.55 -11.42 2.74
C MET B 173 0.58 -11.55 2.72
N ALA B 174 -0.59 -11.64 2.08
CA ALA B 174 -1.79 -12.25 2.70
C ALA B 174 -1.47 -13.71 3.06
N ALA B 175 -0.80 -14.43 2.17
CA ALA B 175 -0.43 -15.86 2.38
C ALA B 175 0.45 -15.93 3.62
N ARG B 176 1.38 -15.01 3.77
CA ARG B 176 2.28 -14.94 4.95
C ARG B 176 1.47 -14.74 6.23
N ASN B 177 0.52 -13.81 6.22
CA ASN B 177 -0.38 -13.55 7.36
C ASN B 177 -0.94 -14.90 7.84
N ILE B 178 -1.37 -15.76 6.91
CA ILE B 178 -2.01 -17.06 7.27
C ILE B 178 -0.93 -18.02 7.74
N ALA B 179 0.14 -18.14 6.96
CA ALA B 179 1.28 -19.04 7.24
C ALA B 179 1.78 -18.83 8.66
N TYR B 180 1.86 -17.59 9.12
CA TYR B 180 2.46 -17.25 10.42
C TYR B 180 1.36 -17.09 11.48
N GLY B 181 0.12 -17.45 11.17
CA GLY B 181 -0.93 -17.61 12.20
C GLY B 181 -1.62 -16.30 12.58
N GLU B 182 -1.45 -15.22 11.81
CA GLU B 182 -2.08 -13.90 12.11
C GLU B 182 -3.53 -13.89 11.57
N ALA B 183 -3.86 -14.83 10.67
CA ALA B 183 -5.23 -14.98 10.13
C ALA B 183 -5.41 -16.40 9.64
N ASP B 184 -6.66 -16.87 9.54
CA ASP B 184 -6.96 -18.18 8.93
C ASP B 184 -7.44 -17.99 7.50
N VAL B 185 -8.02 -16.84 7.17
CA VAL B 185 -8.54 -16.53 5.81
C VAL B 185 -8.14 -15.11 5.44
N MET B 186 -7.67 -14.92 4.22
CA MET B 186 -7.47 -13.55 3.66
C MET B 186 -8.10 -13.48 2.27
N VAL B 187 -8.76 -12.36 1.99
CA VAL B 187 -9.21 -12.02 0.61
C VAL B 187 -8.14 -11.07 0.05
N ALA B 188 -7.50 -11.41 -1.05
CA ALA B 188 -6.30 -10.69 -1.51
C ALA B 188 -6.27 -10.58 -3.02
N GLY B 189 -5.71 -9.48 -3.50
CA GLY B 189 -5.62 -9.24 -4.94
C GLY B 189 -5.51 -7.75 -5.20
N GLY B 190 -6.09 -7.31 -6.31
CA GLY B 190 -5.89 -5.94 -6.76
C GLY B 190 -6.96 -5.50 -7.71
N SER B 191 -7.08 -4.21 -7.88
CA SER B 191 -8.02 -3.63 -8.87
C SER B 191 -7.43 -2.33 -9.43
N GLU B 192 -7.90 -1.98 -10.60
CA GLU B 192 -7.35 -0.83 -11.34
C GLU B 192 -8.36 -0.35 -12.37
N MET B 193 -8.54 0.96 -12.43
N MET B 193 -8.46 0.98 -12.49
CA MET B 193 -9.24 1.66 -13.53
CA MET B 193 -9.28 1.69 -13.51
C MET B 193 -8.52 3.00 -13.74
C MET B 193 -8.61 3.01 -13.86
N ALA B 194 -7.49 2.97 -14.60
CA ALA B 194 -6.67 4.14 -14.94
C ALA B 194 -6.92 4.64 -16.37
N ALA B 195 -7.98 4.20 -17.08
CA ALA B 195 -8.33 4.75 -18.44
C ALA B 195 -9.05 6.07 -18.24
N CYS B 196 -8.32 7.11 -17.89
CA CYS B 196 -8.78 8.50 -17.91
C CYS B 196 -7.70 9.25 -18.68
N GLY B 197 -7.91 10.54 -18.89
CA GLY B 197 -6.92 11.41 -19.52
C GLY B 197 -5.59 11.27 -18.81
N LEU B 198 -5.60 11.26 -17.48
CA LEU B 198 -4.35 11.27 -16.70
C LEU B 198 -3.63 9.91 -16.88
N GLY B 199 -4.36 8.80 -16.98
CA GLY B 199 -3.74 7.47 -17.15
C GLY B 199 -3.19 7.33 -18.55
N LEU B 200 -4.07 7.47 -19.53
CA LEU B 200 -3.70 7.36 -20.96
C LEU B 200 -2.70 8.47 -21.31
N GLY B 201 -2.94 9.68 -20.81
CA GLY B 201 -2.04 10.84 -21.02
C GLY B 201 -0.74 10.66 -20.29
N GLY B 202 -0.77 10.18 -19.04
CA GLY B 202 0.43 10.01 -18.21
C GLY B 202 1.39 8.97 -18.76
N PHE B 203 0.88 7.79 -19.10
CA PHE B 203 1.72 6.74 -19.73
C PHE B 203 2.11 7.20 -21.14
N GLY B 204 1.21 7.88 -21.83
CA GLY B 204 1.43 8.37 -23.19
C GLY B 204 2.57 9.36 -23.23
N ALA B 205 2.64 10.26 -22.25
CA ALA B 205 3.70 11.28 -22.11
C ALA B 205 5.05 10.60 -21.86
N ALA B 206 5.09 9.41 -21.26
CA ALA B 206 6.32 8.60 -21.05
C ALA B 206 6.62 7.75 -22.31
N ARG B 207 5.71 7.70 -23.27
CA ARG B 207 5.79 6.89 -24.51
C ARG B 207 5.90 5.41 -24.13
N ALA B 208 5.24 5.00 -23.05
CA ALA B 208 5.29 3.62 -22.52
C ALA B 208 4.27 2.75 -23.24
N LEU B 209 3.26 3.35 -23.88
CA LEU B 209 2.09 2.64 -24.46
C LEU B 209 2.34 2.28 -25.93
N SER B 210 1.89 1.12 -26.38
CA SER B 210 1.63 0.84 -27.81
C SER B 210 0.79 1.98 -28.39
N THR B 211 1.10 2.39 -29.62
CA THR B 211 0.33 3.41 -30.40
C THR B 211 -0.27 2.73 -31.64
N ARG B 212 -0.45 1.41 -31.62
CA ARG B 212 -1.03 0.64 -32.75
C ARG B 212 -2.55 0.82 -32.79
N ASN B 213 -2.98 2.08 -32.95
CA ASN B 213 -4.40 2.51 -32.97
C ASN B 213 -5.17 1.80 -34.07
N ASP B 214 -4.52 1.51 -35.21
CA ASP B 214 -5.18 0.87 -36.39
C ASP B 214 -5.57 -0.57 -36.06
N GLU B 215 -4.82 -1.30 -35.22
CA GLU B 215 -5.13 -2.72 -34.93
C GLU B 215 -4.95 -3.00 -33.44
N PRO B 216 -5.87 -2.49 -32.59
CA PRO B 216 -5.73 -2.60 -31.14
C PRO B 216 -5.52 -4.03 -30.63
N THR B 217 -6.14 -5.00 -31.28
CA THR B 217 -6.04 -6.43 -30.84
C THR B 217 -4.65 -6.99 -31.14
N ARG B 218 -3.86 -6.33 -31.99
CA ARG B 218 -2.50 -6.79 -32.34
C ARG B 218 -1.47 -6.02 -31.51
N ALA B 219 -1.90 -5.05 -30.70
CA ALA B 219 -0.97 -4.10 -30.07
C ALA B 219 -0.12 -4.83 -29.03
N SER B 220 -0.75 -5.64 -28.16
CA SER B 220 -0.07 -6.37 -27.07
C SER B 220 0.52 -7.64 -27.69
N ARG B 221 1.83 -7.65 -27.86
CA ARG B 221 2.53 -8.75 -28.60
C ARG B 221 3.83 -9.06 -27.86
N PRO B 222 3.73 -9.61 -26.63
CA PRO B 222 4.91 -9.87 -25.83
C PRO B 222 5.95 -10.71 -26.58
N TRP B 223 7.22 -10.27 -26.55
CA TRP B 223 8.40 -10.94 -27.19
C TRP B 223 8.36 -10.90 -28.73
N ASP B 224 7.37 -10.25 -29.34
CA ASP B 224 7.29 -10.11 -30.81
C ASP B 224 8.20 -8.96 -31.21
N ARG B 225 8.92 -9.09 -32.33
CA ARG B 225 9.94 -8.09 -32.72
C ARG B 225 9.32 -6.73 -33.02
N ASP B 226 8.00 -6.65 -33.25
CA ASP B 226 7.30 -5.39 -33.67
C ASP B 226 6.53 -4.76 -32.49
N ARG B 227 6.78 -5.20 -31.26
CA ARG B 227 6.08 -4.65 -30.05
C ARG B 227 6.59 -3.23 -29.82
N ASP B 228 5.74 -2.39 -29.23
CA ASP B 228 5.96 -0.93 -29.17
C ASP B 228 5.38 -0.38 -27.85
N GLY B 229 5.26 -1.25 -26.83
CA GLY B 229 4.92 -0.88 -25.46
C GLY B 229 3.64 -1.57 -24.98
N PHE B 230 3.25 -1.31 -23.73
CA PHE B 230 2.12 -2.07 -23.12
C PHE B 230 0.78 -1.43 -23.51
N VAL B 231 -0.27 -2.19 -23.21
CA VAL B 231 -1.67 -1.83 -23.48
C VAL B 231 -2.34 -1.65 -22.11
N LEU B 232 -2.95 -0.50 -21.89
CA LEU B 232 -3.56 -0.16 -20.58
C LEU B 232 -4.93 -0.83 -20.44
N SER B 233 -5.12 -1.58 -19.36
CA SER B 233 -6.33 -2.38 -19.11
C SER B 233 -6.85 -2.16 -17.69
N ASP B 234 -8.14 -2.43 -17.55
CA ASP B 234 -8.92 -2.26 -16.31
C ASP B 234 -9.42 -3.61 -15.81
N GLY B 235 -9.68 -3.65 -14.53
CA GLY B 235 -10.33 -4.81 -13.90
C GLY B 235 -9.80 -5.11 -12.52
N SER B 236 -9.97 -6.36 -12.13
CA SER B 236 -9.75 -6.76 -10.72
C SER B 236 -9.63 -8.28 -10.64
N GLY B 237 -8.81 -8.77 -9.70
CA GLY B 237 -8.78 -10.18 -9.28
C GLY B 237 -8.75 -10.26 -7.76
N ALA B 238 -9.41 -11.27 -7.20
CA ALA B 238 -9.43 -11.55 -5.77
C ALA B 238 -9.38 -13.05 -5.59
N LEU B 239 -8.58 -13.46 -4.61
CA LEU B 239 -8.47 -14.88 -4.21
C LEU B 239 -8.81 -14.98 -2.74
N VAL B 240 -9.50 -16.05 -2.38
CA VAL B 240 -9.68 -16.42 -0.97
C VAL B 240 -8.56 -17.38 -0.64
N LEU B 241 -7.64 -16.91 0.21
CA LEU B 241 -6.51 -17.69 0.75
C LEU B 241 -6.98 -18.23 2.10
N GLU B 242 -6.62 -19.47 2.40
CA GLU B 242 -7.15 -20.16 3.59
C GLU B 242 -6.12 -21.17 4.11
N GLU B 243 -5.96 -21.23 5.41
CA GLU B 243 -5.10 -22.24 6.07
C GLU B 243 -5.67 -23.62 5.71
N LEU B 244 -4.78 -24.56 5.42
CA LEU B 244 -5.14 -25.87 4.85
C LEU B 244 -6.11 -26.62 5.77
N GLU B 245 -5.79 -26.73 7.05
CA GLU B 245 -6.63 -27.51 8.00
C GLU B 245 -8.00 -26.82 8.14
N HIS B 246 -8.04 -25.49 8.08
CA HIS B 246 -9.31 -24.74 8.10
C HIS B 246 -10.14 -25.07 6.85
N ALA B 247 -9.53 -25.20 5.67
CA ALA B 247 -10.22 -25.51 4.42
C ALA B 247 -10.76 -26.95 4.50
N ARG B 248 -9.93 -27.90 4.94
CA ARG B 248 -10.29 -29.34 5.05
C ARG B 248 -11.47 -29.56 6.01
N ALA B 249 -11.48 -28.87 7.14
CA ALA B 249 -12.46 -29.06 8.23
C ALA B 249 -13.89 -28.71 7.75
N ARG B 250 -14.03 -27.70 6.90
CA ARG B 250 -15.38 -27.25 6.43
C ARG B 250 -15.68 -27.86 5.06
N GLY B 251 -14.80 -28.70 4.52
CA GLY B 251 -15.02 -29.39 3.22
C GLY B 251 -14.88 -28.46 2.01
N ALA B 252 -13.98 -27.49 2.06
CA ALA B 252 -13.79 -26.47 1.00
C ALA B 252 -13.28 -27.17 -0.25
N ARG B 253 -13.68 -26.66 -1.41
CA ARG B 253 -13.09 -27.03 -2.70
C ARG B 253 -11.78 -26.25 -2.77
N ILE B 254 -10.67 -26.96 -2.94
CA ILE B 254 -9.32 -26.36 -2.98
C ILE B 254 -8.89 -26.37 -4.44
N TYR B 255 -8.61 -25.20 -5.00
CA TYR B 255 -8.10 -25.09 -6.37
C TYR B 255 -6.63 -25.54 -6.46
N ALA B 256 -5.78 -25.05 -5.56
CA ALA B 256 -4.31 -25.22 -5.62
C ALA B 256 -3.74 -24.75 -4.30
N GLU B 257 -2.46 -25.01 -4.09
CA GLU B 257 -1.75 -24.59 -2.86
C GLU B 257 -0.81 -23.47 -3.27
N LEU B 258 -0.68 -22.45 -2.42
CA LEU B 258 0.31 -21.39 -2.60
C LEU B 258 1.52 -21.78 -1.76
N VAL B 259 2.61 -22.24 -2.40
CA VAL B 259 3.78 -22.85 -1.69
C VAL B 259 4.94 -21.88 -1.60
N GLY B 260 4.96 -20.80 -2.39
CA GLY B 260 6.11 -19.89 -2.42
C GLY B 260 5.72 -18.46 -2.75
N PHE B 261 6.51 -17.53 -2.22
CA PHE B 261 6.45 -16.08 -2.47
C PHE B 261 7.85 -15.50 -2.36
N GLY B 262 8.22 -14.79 -3.41
CA GLY B 262 9.48 -14.05 -3.49
C GLY B 262 9.20 -12.60 -3.76
N MET B 263 10.07 -11.78 -3.21
CA MET B 263 10.16 -10.34 -3.42
C MET B 263 11.64 -10.04 -3.63
N SER B 264 11.91 -8.99 -4.37
CA SER B 264 13.27 -8.47 -4.55
C SER B 264 13.09 -7.08 -5.11
N GLY B 265 14.06 -6.21 -4.84
CA GLY B 265 14.19 -4.93 -5.54
C GLY B 265 15.36 -5.02 -6.51
N ASP B 266 15.16 -4.54 -7.74
CA ASP B 266 16.22 -4.35 -8.77
C ASP B 266 17.27 -3.34 -8.27
N ALA B 267 16.82 -2.29 -7.58
CA ALA B 267 17.65 -1.10 -7.25
C ALA B 267 18.35 -0.57 -8.52
N PHE B 268 17.66 -0.54 -9.67
CA PHE B 268 18.29 -0.24 -10.97
C PHE B 268 17.74 1.05 -11.61
N HIS B 269 16.46 1.09 -11.97
CA HIS B 269 15.85 2.28 -12.65
C HIS B 269 14.40 2.48 -12.19
N MET B 270 13.90 3.71 -12.28
CA MET B 270 12.56 4.12 -11.78
C MET B 270 11.51 3.37 -12.59
N THR B 271 11.76 3.12 -13.89
CA THR B 271 10.72 2.56 -14.80
C THR B 271 11.22 1.36 -15.62
N ALA B 272 12.52 1.21 -15.89
CA ALA B 272 13.07 0.15 -16.78
C ALA B 272 13.71 -0.96 -15.94
N PRO B 273 13.51 -2.25 -16.28
CA PRO B 273 14.19 -3.33 -15.56
C PRO B 273 15.62 -3.41 -16.11
N PRO B 274 16.59 -4.02 -15.39
CA PRO B 274 17.90 -4.28 -15.97
C PRO B 274 17.82 -5.28 -17.13
N GLU B 275 18.66 -5.10 -18.16
CA GLU B 275 18.61 -5.86 -19.43
C GLU B 275 18.72 -7.37 -19.19
N ASP B 276 19.53 -7.76 -18.19
CA ASP B 276 19.85 -9.18 -17.85
C ASP B 276 18.79 -9.73 -16.87
N GLY B 277 17.85 -8.90 -16.39
CA GLY B 277 16.75 -9.34 -15.50
C GLY B 277 17.28 -9.90 -14.20
N ALA B 278 18.38 -9.35 -13.68
CA ALA B 278 19.04 -9.80 -12.44
C ALA B 278 18.01 -9.81 -11.29
N GLY B 279 17.17 -8.76 -11.21
CA GLY B 279 16.16 -8.61 -10.13
C GLY B 279 15.08 -9.66 -10.21
N ALA B 280 14.53 -9.88 -11.39
CA ALA B 280 13.50 -10.92 -11.61
C ALA B 280 14.12 -12.31 -11.30
N ALA B 281 15.40 -12.55 -11.63
CA ALA B 281 16.07 -13.83 -11.34
C ALA B 281 16.16 -14.04 -9.83
N ARG B 282 16.61 -13.03 -9.06
CA ARG B 282 16.73 -13.10 -7.59
C ARG B 282 15.34 -13.41 -7.00
N CYS B 283 14.34 -12.71 -7.49
CA CYS B 283 12.96 -12.84 -6.95
C CYS B 283 12.46 -14.27 -7.21
N MET B 284 12.56 -14.78 -8.43
CA MET B 284 12.13 -16.19 -8.69
C MET B 284 12.90 -17.18 -7.79
N LYS B 285 14.22 -17.01 -7.65
CA LYS B 285 15.06 -17.90 -6.81
C LYS B 285 14.59 -17.82 -5.37
N ASN B 286 14.32 -16.61 -4.84
CA ASN B 286 13.73 -16.40 -3.51
C ASN B 286 12.40 -17.16 -3.40
N ALA B 287 11.55 -17.14 -4.41
CA ALA B 287 10.21 -17.78 -4.34
C ALA B 287 10.37 -19.31 -4.32
N LEU B 288 11.25 -19.83 -5.15
CA LEU B 288 11.50 -21.29 -5.21
C LEU B 288 12.12 -21.78 -3.89
N ARG B 289 13.09 -21.05 -3.34
CA ARG B 289 13.66 -21.37 -2.00
C ARG B 289 12.55 -21.34 -0.95
N ASP B 290 11.70 -20.31 -0.97
CA ASP B 290 10.55 -20.20 -0.04
C ASP B 290 9.66 -21.46 -0.15
N ALA B 291 9.53 -22.03 -1.34
CA ALA B 291 8.67 -23.21 -1.63
C ALA B 291 9.41 -24.53 -1.40
N GLY B 292 10.73 -24.47 -1.23
CA GLY B 292 11.56 -25.68 -1.07
C GLY B 292 11.61 -26.47 -2.36
N LEU B 293 11.52 -25.80 -3.50
CA LEU B 293 11.47 -26.49 -4.83
C LEU B 293 12.72 -26.16 -5.61
N ASP B 294 13.17 -27.12 -6.42
N ASP B 294 13.18 -27.12 -6.42
CA ASP B 294 14.27 -26.97 -7.39
CA ASP B 294 14.28 -26.94 -7.39
C ASP B 294 13.71 -26.28 -8.63
C ASP B 294 13.71 -26.30 -8.64
N PRO B 295 14.46 -25.37 -9.29
CA PRO B 295 14.02 -24.81 -10.57
C PRO B 295 13.44 -25.86 -11.53
N ARG B 296 14.03 -27.05 -11.57
CA ARG B 296 13.63 -28.14 -12.47
C ARG B 296 12.17 -28.55 -12.26
N GLN B 297 11.59 -28.30 -11.07
CA GLN B 297 10.18 -28.70 -10.78
C GLN B 297 9.16 -27.73 -11.43
N VAL B 298 9.57 -26.56 -11.93
CA VAL B 298 8.61 -25.57 -12.50
C VAL B 298 8.18 -26.00 -13.91
N ASP B 299 6.87 -25.97 -14.18
CA ASP B 299 6.30 -26.45 -15.46
C ASP B 299 5.74 -25.27 -16.28
N TYR B 300 5.24 -24.25 -15.60
CA TYR B 300 4.51 -23.16 -16.29
C TYR B 300 4.83 -21.84 -15.57
N ILE B 301 5.13 -20.83 -16.35
CA ILE B 301 5.35 -19.44 -15.86
C ILE B 301 4.32 -18.56 -16.55
N ASN B 302 3.51 -17.88 -15.74
CA ASN B 302 2.76 -16.72 -16.23
C ASN B 302 3.66 -15.51 -16.09
N ALA B 303 4.25 -15.10 -17.20
CA ALA B 303 5.25 -14.02 -17.33
C ALA B 303 4.58 -12.71 -16.98
N HIS B 304 5.35 -11.73 -16.56
CA HIS B 304 4.86 -10.33 -16.54
C HIS B 304 4.54 -9.94 -17.99
N GLY B 305 5.48 -10.13 -18.92
CA GLY B 305 5.29 -10.04 -20.39
C GLY B 305 4.42 -8.86 -20.83
N THR B 306 4.86 -7.65 -20.54
CA THR B 306 4.06 -6.41 -20.78
C THR B 306 4.05 -5.95 -22.24
N SER B 307 4.90 -6.52 -23.14
CA SER B 307 5.04 -6.05 -24.53
C SER B 307 5.86 -4.75 -24.59
N THR B 308 6.66 -4.44 -23.57
CA THR B 308 7.67 -3.37 -23.68
C THR B 308 8.94 -4.01 -24.23
N PRO B 309 9.72 -3.29 -25.06
CA PRO B 309 11.00 -3.82 -25.56
C PRO B 309 11.89 -4.38 -24.44
N ALA B 310 12.28 -3.58 -23.44
CA ALA B 310 13.25 -3.98 -22.40
C ALA B 310 12.68 -5.04 -21.44
N GLY B 311 11.41 -4.92 -21.02
CA GLY B 311 10.81 -5.81 -20.01
C GLY B 311 10.79 -7.25 -20.48
N ASP B 312 10.32 -7.47 -21.69
CA ASP B 312 10.12 -8.81 -22.28
C ASP B 312 11.47 -9.53 -22.35
N ILE B 313 12.53 -8.83 -22.79
CA ILE B 313 13.87 -9.45 -22.98
C ILE B 313 14.50 -9.72 -21.60
N ALA B 314 14.30 -8.84 -20.60
CA ALA B 314 14.76 -9.03 -19.21
C ALA B 314 14.22 -10.35 -18.65
N GLU B 315 12.95 -10.66 -18.95
N GLU B 315 12.96 -10.65 -18.98
CA GLU B 315 12.28 -11.89 -18.42
CA GLU B 315 12.25 -11.85 -18.45
C GLU B 315 12.86 -13.15 -19.06
C GLU B 315 12.84 -13.12 -19.07
N ILE B 316 13.10 -13.13 -20.38
CA ILE B 316 13.80 -14.28 -21.06
C ILE B 316 15.16 -14.48 -20.40
N ALA B 317 15.93 -13.41 -20.19
CA ALA B 317 17.27 -13.51 -19.55
C ALA B 317 17.14 -14.11 -18.14
N ALA B 318 16.15 -13.65 -17.36
CA ALA B 318 15.95 -14.09 -15.96
C ALA B 318 15.60 -15.58 -15.94
N VAL B 319 14.69 -15.99 -16.83
CA VAL B 319 14.24 -17.41 -16.89
C VAL B 319 15.42 -18.31 -17.29
N LYS B 320 16.22 -17.93 -18.29
CA LYS B 320 17.39 -18.76 -18.72
C LYS B 320 18.36 -18.87 -17.56
N SER B 321 18.62 -17.75 -16.86
CA SER B 321 19.55 -17.69 -15.70
C SER B 321 19.06 -18.59 -14.57
N VAL B 322 17.78 -18.49 -14.19
CA VAL B 322 17.25 -19.27 -13.05
C VAL B 322 17.15 -20.75 -13.44
N PHE B 323 16.74 -21.09 -14.66
CA PHE B 323 16.25 -22.45 -14.99
C PHE B 323 17.27 -23.26 -15.80
N GLY B 324 18.29 -22.61 -16.37
CA GLY B 324 19.43 -23.32 -17.02
C GLY B 324 18.93 -24.31 -18.06
N GLU B 325 19.28 -25.59 -17.91
CA GLU B 325 18.95 -26.66 -18.89
C GLU B 325 17.46 -27.04 -18.81
N HIS B 326 16.69 -26.44 -17.91
CA HIS B 326 15.22 -26.68 -17.84
C HIS B 326 14.42 -25.55 -18.53
N ALA B 327 15.07 -24.43 -18.85
CA ALA B 327 14.40 -23.22 -19.37
C ALA B 327 13.52 -23.54 -20.59
N HIS B 328 13.90 -24.51 -21.42
CA HIS B 328 13.18 -24.88 -22.68
C HIS B 328 12.06 -25.88 -22.40
N ALA B 329 12.07 -26.58 -21.27
CA ALA B 329 11.08 -27.65 -20.98
C ALA B 329 9.81 -27.02 -20.38
N LEU B 330 9.95 -26.04 -19.49
CA LEU B 330 8.77 -25.29 -18.98
C LEU B 330 8.13 -24.52 -20.15
N SER B 331 6.86 -24.19 -19.99
CA SER B 331 6.10 -23.28 -20.87
C SER B 331 5.97 -21.93 -20.17
N MET B 332 6.19 -20.84 -20.87
CA MET B 332 6.01 -19.49 -20.32
C MET B 332 5.14 -18.71 -21.29
N SER B 333 4.08 -18.09 -20.79
CA SER B 333 3.21 -17.24 -21.64
C SER B 333 2.85 -15.96 -20.92
N SER B 334 2.54 -14.96 -21.72
CA SER B 334 1.96 -13.68 -21.26
C SER B 334 0.50 -13.63 -21.71
N THR B 335 -0.38 -13.73 -20.73
CA THR B 335 -1.82 -13.51 -20.90
C THR B 335 -2.09 -12.02 -21.16
N LYS B 336 -1.13 -11.13 -20.94
CA LYS B 336 -1.29 -9.69 -21.30
C LYS B 336 -1.45 -9.54 -22.82
N SER B 337 -1.06 -10.56 -23.60
CA SER B 337 -1.24 -10.59 -25.07
C SER B 337 -2.73 -10.47 -25.40
N MET B 338 -3.57 -10.93 -24.48
CA MET B 338 -5.06 -10.96 -24.60
C MET B 338 -5.72 -9.89 -23.72
N THR B 339 -5.26 -9.70 -22.48
CA THR B 339 -5.97 -8.88 -21.44
C THR B 339 -5.44 -7.44 -21.44
N GLY B 340 -4.24 -7.24 -21.98
CA GLY B 340 -3.45 -6.02 -21.74
C GLY B 340 -2.98 -5.99 -20.30
N HIS B 341 -2.50 -4.84 -19.86
CA HIS B 341 -1.74 -4.71 -18.61
C HIS B 341 -2.69 -4.09 -17.57
N LEU B 342 -3.20 -4.86 -16.62
CA LEU B 342 -4.14 -4.33 -15.60
C LEU B 342 -3.39 -3.65 -14.44
N LEU B 343 -2.11 -3.35 -14.61
CA LEU B 343 -1.28 -2.63 -13.63
C LEU B 343 -1.38 -3.33 -12.27
N GLY B 344 -1.91 -2.66 -11.24
CA GLY B 344 -1.90 -3.29 -9.91
C GLY B 344 -2.82 -4.51 -9.83
N ALA B 345 -3.76 -4.69 -10.78
CA ALA B 345 -4.61 -5.89 -10.85
C ALA B 345 -3.93 -6.98 -11.69
N ALA B 346 -2.86 -6.69 -12.44
CA ALA B 346 -2.25 -7.70 -13.34
C ALA B 346 -1.91 -8.95 -12.52
N GLY B 347 -1.21 -8.77 -11.40
CA GLY B 347 -0.75 -9.90 -10.60
C GLY B 347 -1.89 -10.72 -10.04
N ALA B 348 -3.03 -10.10 -9.79
CA ALA B 348 -4.20 -10.78 -9.22
C ALA B 348 -4.83 -11.66 -10.30
N VAL B 349 -5.16 -11.09 -11.46
CA VAL B 349 -5.85 -11.90 -12.52
C VAL B 349 -4.86 -12.98 -13.01
N GLU B 350 -3.55 -12.70 -13.02
CA GLU B 350 -2.56 -13.66 -13.55
C GLU B 350 -2.31 -14.78 -12.52
N ALA B 351 -2.43 -14.51 -11.22
CA ALA B 351 -2.43 -15.57 -10.20
C ALA B 351 -3.63 -16.48 -10.45
N ILE B 352 -4.78 -15.91 -10.81
CA ILE B 352 -5.98 -16.75 -11.08
C ILE B 352 -5.72 -17.61 -12.32
N PHE B 353 -5.14 -17.05 -13.37
CA PHE B 353 -4.87 -17.82 -14.61
C PHE B 353 -3.89 -18.96 -14.31
N SER B 354 -2.93 -18.73 -13.40
CA SER B 354 -1.89 -19.73 -13.05
C SER B 354 -2.57 -20.88 -12.31
N VAL B 355 -3.45 -20.54 -11.37
CA VAL B 355 -4.27 -21.53 -10.63
C VAL B 355 -5.09 -22.34 -11.64
N LEU B 356 -5.73 -21.71 -12.62
CA LEU B 356 -6.61 -22.42 -13.58
C LEU B 356 -5.76 -23.24 -14.57
N ALA B 357 -4.56 -22.79 -14.90
CA ALA B 357 -3.58 -23.58 -15.68
C ALA B 357 -3.34 -24.91 -14.98
N LEU B 358 -3.18 -24.90 -13.66
CA LEU B 358 -3.04 -26.10 -12.80
C LEU B 358 -4.31 -26.93 -12.82
N ARG B 359 -5.47 -26.31 -12.62
CA ARG B 359 -6.73 -27.08 -12.61
C ARG B 359 -6.90 -27.79 -13.96
N ASP B 360 -6.69 -27.09 -15.08
CA ASP B 360 -7.08 -27.57 -16.42
C ASP B 360 -5.89 -28.17 -17.19
N GLN B 361 -4.67 -28.19 -16.61
CA GLN B 361 -3.45 -28.77 -17.26
C GLN B 361 -3.32 -28.21 -18.68
N VAL B 362 -3.25 -26.89 -18.78
CA VAL B 362 -3.13 -26.19 -20.09
C VAL B 362 -2.37 -24.90 -19.86
N ALA B 363 -1.38 -24.64 -20.72
CA ALA B 363 -0.65 -23.35 -20.77
C ALA B 363 -1.44 -22.43 -21.68
N PRO B 364 -1.91 -21.27 -21.17
CA PRO B 364 -2.54 -20.28 -22.02
C PRO B 364 -1.56 -19.76 -23.05
N PRO B 365 -2.06 -19.31 -24.22
CA PRO B 365 -1.21 -18.80 -25.29
C PRO B 365 -0.64 -17.41 -25.04
N THR B 366 0.49 -17.11 -25.68
CA THR B 366 0.92 -15.73 -25.94
C THR B 366 0.43 -15.43 -27.35
N ILE B 367 -0.72 -14.77 -27.51
CA ILE B 367 -1.19 -14.42 -28.88
C ILE B 367 -0.29 -13.29 -29.44
N ASN B 368 -0.37 -13.08 -30.76
CA ASN B 368 0.37 -12.04 -31.53
C ASN B 368 1.88 -12.30 -31.59
N LEU B 369 2.36 -13.50 -31.22
CA LEU B 369 3.82 -13.79 -31.23
C LEU B 369 4.16 -14.34 -32.61
N ASP B 370 4.21 -13.46 -33.61
CA ASP B 370 4.28 -13.83 -35.05
C ASP B 370 5.75 -14.01 -35.43
N ASN B 371 6.63 -13.18 -34.87
CA ASN B 371 8.10 -13.17 -35.12
C ASN B 371 8.83 -12.93 -33.81
N PRO B 372 9.16 -14.00 -33.05
CA PRO B 372 9.92 -13.88 -31.82
C PRO B 372 11.17 -13.05 -32.09
N ASP B 373 11.50 -12.21 -31.12
CA ASP B 373 12.66 -11.29 -31.19
C ASP B 373 13.92 -12.13 -31.00
N GLU B 374 15.06 -11.48 -31.21
CA GLU B 374 16.42 -12.01 -30.95
C GLU B 374 16.44 -12.63 -29.55
N GLY B 375 16.74 -13.93 -29.45
CA GLY B 375 16.97 -14.59 -28.15
C GLY B 375 15.69 -15.02 -27.46
N CYS B 376 14.53 -14.80 -28.09
CA CYS B 376 13.21 -15.16 -27.52
C CYS B 376 12.83 -16.56 -28.04
N ASP B 377 13.68 -17.55 -27.75
CA ASP B 377 13.61 -18.92 -28.34
C ASP B 377 13.04 -19.93 -27.33
N LEU B 378 12.46 -19.49 -26.21
CA LEU B 378 11.84 -20.38 -25.20
C LEU B 378 10.51 -20.88 -25.77
N ASP B 379 9.82 -21.76 -25.05
CA ASP B 379 8.42 -22.16 -25.36
C ASP B 379 7.52 -21.07 -24.77
N LEU B 380 7.18 -20.09 -25.60
CA LEU B 380 6.35 -18.92 -25.22
C LEU B 380 4.90 -19.18 -25.61
N VAL B 381 4.55 -20.44 -25.91
CA VAL B 381 3.16 -20.89 -26.18
C VAL B 381 2.53 -19.95 -27.23
N ALA B 382 3.27 -19.64 -28.28
CA ALA B 382 2.82 -18.75 -29.36
C ALA B 382 1.44 -19.22 -29.87
N HIS B 383 0.51 -18.27 -30.01
CA HIS B 383 -0.75 -18.34 -30.80
C HIS B 383 -1.86 -19.14 -30.10
N GLU B 384 -1.61 -20.36 -29.64
CA GLU B 384 -2.71 -21.24 -29.17
C GLU B 384 -2.34 -21.92 -27.85
N ALA B 385 -3.35 -22.25 -27.05
CA ALA B 385 -3.23 -22.91 -25.74
C ALA B 385 -2.54 -24.25 -25.93
N LYS B 386 -1.74 -24.67 -24.96
CA LYS B 386 -0.98 -25.93 -25.08
C LYS B 386 -1.31 -26.80 -23.88
N PRO B 387 -2.15 -27.85 -24.07
CA PRO B 387 -2.37 -28.83 -23.00
C PRO B 387 -1.04 -29.50 -22.67
N ARG B 388 -0.70 -29.59 -21.39
CA ARG B 388 0.58 -30.18 -20.93
C ARG B 388 0.46 -30.47 -19.45
N LYS B 389 1.41 -31.24 -18.94
CA LYS B 389 1.50 -31.54 -17.50
C LYS B 389 1.99 -30.28 -16.80
N ILE B 390 1.30 -29.90 -15.73
CA ILE B 390 1.64 -28.70 -14.93
C ILE B 390 1.39 -29.07 -13.50
N ASP B 391 2.46 -29.28 -12.75
CA ASP B 391 2.39 -29.55 -11.30
C ASP B 391 2.68 -28.27 -10.51
N VAL B 392 3.60 -27.43 -11.02
CA VAL B 392 4.11 -26.19 -10.37
C VAL B 392 4.01 -25.05 -11.38
N ALA B 393 3.37 -23.94 -11.00
CA ALA B 393 3.15 -22.75 -11.86
C ALA B 393 3.67 -21.52 -11.13
N LEU B 394 4.42 -20.67 -11.83
CA LEU B 394 4.95 -19.39 -11.27
C LEU B 394 4.14 -18.25 -11.89
N SER B 395 3.96 -17.18 -11.13
CA SER B 395 3.41 -15.94 -11.68
C SER B 395 4.34 -14.82 -11.25
N ASN B 396 4.89 -14.10 -12.22
CA ASN B 396 5.87 -13.04 -11.99
C ASN B 396 5.24 -11.67 -12.26
N SER B 397 5.63 -10.69 -11.47
CA SER B 397 5.29 -9.27 -11.67
C SER B 397 6.55 -8.44 -11.40
N PHE B 398 6.82 -7.46 -12.26
CA PHE B 398 7.98 -6.52 -12.15
C PHE B 398 7.42 -5.11 -12.37
N GLY B 399 7.58 -4.19 -11.43
CA GLY B 399 6.94 -2.86 -11.54
C GLY B 399 7.89 -1.71 -11.41
N PHE B 400 7.36 -0.50 -11.60
CA PHE B 400 8.10 0.76 -11.36
C PHE B 400 8.73 0.69 -9.98
N GLY B 401 9.91 1.30 -9.88
CA GLY B 401 10.72 1.29 -8.65
C GLY B 401 11.56 0.04 -8.57
N GLY B 402 11.48 -0.81 -9.58
CA GLY B 402 12.26 -2.05 -9.66
C GLY B 402 11.75 -3.05 -8.65
N THR B 403 10.44 -3.03 -8.39
CA THR B 403 9.81 -3.90 -7.37
C THR B 403 9.37 -5.22 -8.04
N ASN B 404 9.77 -6.36 -7.49
CA ASN B 404 9.54 -7.67 -8.12
C ASN B 404 8.74 -8.54 -7.14
N GLY B 405 7.89 -9.37 -7.70
CA GLY B 405 7.16 -10.39 -6.93
C GLY B 405 7.01 -11.63 -7.77
N THR B 406 7.08 -12.77 -7.11
CA THR B 406 6.83 -14.10 -7.71
C THR B 406 5.96 -14.92 -6.74
N LEU B 407 4.93 -15.55 -7.27
CA LEU B 407 4.11 -16.51 -6.52
C LEU B 407 4.35 -17.89 -7.12
N VAL B 408 4.42 -18.89 -6.27
CA VAL B 408 4.61 -20.31 -6.68
C VAL B 408 3.37 -21.07 -6.21
N PHE B 409 2.66 -21.66 -7.16
CA PHE B 409 1.47 -22.49 -6.89
C PHE B 409 1.80 -23.90 -7.30
N ARG B 410 1.20 -24.84 -6.61
CA ARG B 410 1.38 -26.28 -6.88
C ARG B 410 0.00 -26.93 -6.89
N ARG B 411 -0.22 -27.95 -7.73
CA ARG B 411 -1.42 -28.83 -7.66
C ARG B 411 -1.60 -29.34 -6.24
N PHE B 412 -2.84 -29.40 -5.75
CA PHE B 412 -3.17 -29.97 -4.43
C PHE B 412 -3.99 -31.26 -4.62
N ALA B 413 -3.62 -32.36 -3.97
CA ALA B 413 -4.42 -33.62 -3.94
C ALA B 413 -4.03 -34.45 -2.71
N1 LWA C . 20.72 14.86 5.63
C4 LWA C . 21.92 13.22 2.57
C5 LWA C . 22.09 11.90 3.02
C6 LWA C . 22.66 10.86 2.13
C7 LWA C . 20.50 14.77 7.00
C8 LWA C . 19.93 16.06 7.67
C10 LWA C . 20.51 18.34 8.27
N LWA C . 23.60 11.26 1.21
C LWA C . 21.81 11.56 4.33
O LWA C . 22.37 9.67 2.18
C1 LWA C . 21.37 12.51 5.23
C11 LWA C . 20.11 17.47 9.48
C2 LWA C . 21.21 13.84 4.80
C3 LWA C . 21.48 14.19 3.46
C9 LWA C . 20.54 17.38 7.08
O1 LWA C . 20.73 13.73 7.66
O2 LWA C . 20.12 16.11 9.05
N1 LWA D . 2.65 -14.61 24.74
C4 LWA D . 2.93 -13.48 28.34
C5 LWA D . 1.71 -12.83 28.49
C6 LWA D . 1.34 -12.18 29.78
C7 LWA D . 3.95 -14.72 24.14
C8 LWA D . 4.04 -15.26 22.75
C10 LWA D . 3.40 -14.13 20.69
N LWA D . 0.13 -11.49 29.88
C LWA D . 0.81 -12.79 27.43
O LWA D . 2.07 -12.25 30.74
C1 LWA D . 1.11 -13.40 26.24
C11 LWA D . 2.24 -14.86 21.38
C2 LWA D . 2.35 -14.07 26.06
C3 LWA D . 3.26 -14.11 27.14
C9 LWA D . 4.46 -14.09 21.81
O1 LWA D . 5.00 -14.44 24.70
O2 LWA D . 2.83 -15.77 22.29
S DMS E . 8.08 -7.98 15.69
O DMS E . 7.32 -8.78 14.67
C1 DMS E . 6.85 -7.36 16.84
C2 DMS E . 8.87 -9.15 16.78
S DMS F . -6.29 -3.90 34.79
O DMS F . -5.68 -2.82 35.67
C1 DMS F . -5.11 -4.30 33.51
C2 DMS F . -6.15 -5.43 35.72
S DMS G . 2.69 20.02 -14.92
O DMS G . 1.86 19.53 -16.09
C1 DMS G . 2.68 21.80 -14.99
C2 DMS G . 4.38 19.73 -15.37
S DMS H . -22.84 -14.83 13.00
O DMS H . -22.25 -15.72 14.09
C1 DMS H . -23.82 -15.87 11.94
C2 DMS H . -24.15 -13.92 13.78
S DMS I . 3.05 -19.05 2.37
O DMS I . 4.08 -18.39 3.30
C1 DMS I . 3.68 -18.84 0.73
C2 DMS I . 3.36 -20.81 2.46
S DMS J . -17.09 10.53 -4.71
O DMS J . -16.25 11.52 -5.47
C1 DMS J . -18.77 10.98 -5.10
C2 DMS J . -17.06 9.01 -5.62
S DMS K . -18.66 7.68 -9.38
O DMS K . -17.82 6.43 -9.31
C1 DMS K . -20.29 7.16 -9.87
C2 DMS K . -18.20 8.51 -10.89
S DMS L . -21.31 -15.00 3.88
O DMS L . -20.52 -15.20 5.15
C1 DMS L . -22.66 -13.90 4.29
C2 DMS L . -22.27 -16.47 3.61
P PO4 M . -13.88 -21.65 12.39
O1 PO4 M . -13.90 -23.19 12.44
O2 PO4 M . -14.94 -21.07 13.36
O3 PO4 M . -14.21 -21.13 10.92
O4 PO4 M . -12.47 -21.17 12.85
#